data_9FXI
#
_entry.id   9FXI
#
_cell.length_a   86.435
_cell.length_b   149.744
_cell.length_c   95.652
_cell.angle_alpha   90.00
_cell.angle_beta   97.10
_cell.angle_gamma   90.00
#
_symmetry.space_group_name_H-M   'C 1 2 1'
#
loop_
_entity.id
_entity.type
_entity.pdbx_description
1 polymer 'Glutaminyl-peptide cyclotransferase'
2 non-polymer 'COBALT (II) ION'
3 non-polymer 2-fluoranyl-5-[2-[4-(4-methyl-1,2,4-triazol-3-yl)piperidin-1-yl]pyridin-3-yl]pyridine
4 non-polymer 'SULFATE ION'
5 water water
#
_entity_poly.entity_id   1
_entity_poly.type   'polypeptide(L)'
_entity_poly.pdbx_seq_one_letter_code
;MRGSHHHHHHGSASAWPEEKNYHQPAILNSSALRQIAEGTSISEMWQNDLQPLLIERYPGSPGSYAARQHIMQRIQRLQA
DWVLEIDTFLSQTPEGERSFSNIISTLNPTAKRHLVLACHYDSKYFSHWNNRVFVGATDSAVPCAMMLELARALDKKLLS
LKTVSDSKPDLSLQLIFFDGEEAFLHWSPQDSLYGSRHLAAKMASTPHPPGARGTSQLHGMDLLVLLDLIGAPNPTFPNF
FPNSARWFERLQAIEHELHELGLLKDHSLEGRYFQNYSYGGVIQDDHIPFLRRGVPVLHLIPSPFPEVWHTMDDNEENLD
ESTIDNLNKILQVFVLEYLHL
;
_entity_poly.pdbx_strand_id   A,B,C
#
loop_
_chem_comp.id
_chem_comp.type
_chem_comp.name
_chem_comp.formula
CO non-polymer 'COBALT (II) ION' 'Co 2'
S77 non-polymer 2-fluoranyl-5-[2-[4-(4-methyl-1,2,4-triazol-3-yl)piperidin-1-yl]pyridin-3-yl]pyridine 'C18 H19 F N6'
SO4 non-polymer 'SULFATE ION' 'O4 S -2'
#
# COMPACT_ATOMS: atom_id res chain seq x y z
N SER A 14 2.80 -13.01 44.57
CA SER A 14 4.18 -13.38 44.07
C SER A 14 4.47 -12.74 42.72
N ALA A 15 5.73 -12.27 42.56
CA ALA A 15 6.13 -11.38 41.48
C ALA A 15 7.14 -12.06 40.56
N TRP A 16 7.09 -13.39 40.48
CA TRP A 16 8.01 -14.16 39.66
C TRP A 16 7.70 -13.98 38.17
N PRO A 17 6.44 -13.69 37.77
CA PRO A 17 6.16 -13.39 36.36
C PRO A 17 6.86 -12.12 35.88
N GLU A 18 7.39 -11.34 36.83
CA GLU A 18 8.10 -10.10 36.54
C GLU A 18 9.59 -10.35 36.44
N GLU A 19 10.01 -11.56 36.79
CA GLU A 19 11.43 -11.85 36.85
C GLU A 19 12.05 -11.65 35.47
N LYS A 20 11.23 -11.83 34.42
CA LYS A 20 11.69 -11.85 33.04
C LYS A 20 12.06 -10.44 32.58
N ASN A 21 11.41 -9.44 33.18
CA ASN A 21 11.57 -8.03 32.84
C ASN A 21 12.94 -7.53 33.28
N TYR A 22 13.53 -8.21 34.27
CA TYR A 22 14.80 -7.77 34.85
C TYR A 22 15.92 -8.73 34.46
N HIS A 23 15.54 -9.89 33.93
CA HIS A 23 16.49 -10.94 33.62
C HIS A 23 17.55 -10.40 32.67
N GLN A 24 18.81 -10.77 32.96
CA GLN A 24 19.99 -10.30 32.25
C GLN A 24 20.73 -11.50 31.64
N PRO A 25 21.53 -11.26 30.58
CA PRO A 25 22.36 -12.31 29.99
C PRO A 25 23.71 -12.43 30.71
N ALA A 26 24.40 -13.55 30.48
CA ALA A 26 25.76 -13.78 30.93
C ALA A 26 26.68 -13.79 29.71
N ILE A 27 27.28 -12.63 29.42
CA ILE A 27 28.05 -12.37 28.21
C ILE A 27 29.20 -13.35 28.13
N LEU A 28 29.18 -14.22 27.12
CA LEU A 28 30.30 -15.11 26.88
C LEU A 28 31.52 -14.30 26.45
N ASN A 29 32.69 -14.83 26.83
CA ASN A 29 33.95 -14.18 26.49
C ASN A 29 34.55 -14.89 25.27
N SER A 30 35.59 -14.27 24.71
CA SER A 30 36.11 -14.61 23.40
C SER A 30 36.22 -16.11 23.22
N SER A 31 37.04 -16.76 24.03
CA SER A 31 37.33 -18.17 23.85
C SER A 31 36.06 -19.01 24.02
N ALA A 32 35.11 -18.53 24.84
CA ALA A 32 33.82 -19.21 24.98
C ALA A 32 33.13 -19.23 23.63
N LEU A 33 33.06 -18.05 23.01
CA LEU A 33 32.48 -17.89 21.69
C LEU A 33 33.19 -18.77 20.67
N ARG A 34 34.52 -18.89 20.77
CA ARG A 34 35.28 -19.73 19.85
C ARG A 34 34.77 -21.17 19.95
N GLN A 35 34.48 -21.58 21.19
CA GLN A 35 34.20 -22.97 21.52
C GLN A 35 32.78 -23.34 21.11
N ILE A 36 31.87 -22.36 21.19
CA ILE A 36 30.53 -22.55 20.68
C ILE A 36 30.58 -22.72 19.17
N ALA A 37 31.36 -21.85 18.50
CA ALA A 37 31.49 -21.85 17.04
C ALA A 37 31.97 -23.20 16.53
N GLU A 38 32.99 -23.74 17.21
CA GLU A 38 33.55 -25.03 16.82
C GLU A 38 32.61 -26.17 17.21
N GLY A 39 31.59 -25.89 18.04
CA GLY A 39 30.70 -26.91 18.60
C GLY A 39 29.58 -27.37 17.66
N THR A 40 29.18 -26.52 16.71
CA THR A 40 28.06 -26.79 15.83
C THR A 40 28.56 -27.19 14.44
N SER A 41 28.22 -28.40 14.00
CA SER A 41 28.53 -28.82 12.64
C SER A 41 27.34 -28.55 11.73
N ILE A 42 27.54 -27.64 10.76
CA ILE A 42 26.50 -27.31 9.79
C ILE A 42 26.12 -28.55 8.98
N SER A 43 27.09 -29.46 8.79
CA SER A 43 26.90 -30.56 7.85
C SER A 43 26.27 -31.75 8.56
N GLU A 44 26.60 -31.93 9.84
CA GLU A 44 25.91 -32.89 10.67
C GLU A 44 24.42 -32.57 10.61
N MET A 45 24.09 -31.27 10.73
CA MET A 45 22.70 -30.84 10.73
C MET A 45 22.08 -31.12 9.38
N TRP A 46 22.77 -30.65 8.32
CA TRP A 46 22.25 -30.74 6.97
C TRP A 46 21.70 -32.15 6.75
N GLN A 47 22.58 -33.12 7.02
CA GLN A 47 22.38 -34.49 6.58
C GLN A 47 21.26 -35.12 7.41
N ASN A 48 21.23 -34.82 8.72
CA ASN A 48 20.46 -35.60 9.69
C ASN A 48 19.25 -34.82 10.19
N ASP A 49 19.41 -33.50 10.29
CA ASP A 49 18.34 -32.69 10.85
C ASP A 49 17.46 -32.17 9.71
N LEU A 50 18.12 -31.57 8.71
CA LEU A 50 17.43 -30.83 7.67
C LEU A 50 16.84 -31.78 6.64
N GLN A 51 17.67 -32.70 6.12
CA GLN A 51 17.34 -33.44 4.90
C GLN A 51 16.03 -34.20 5.03
N PRO A 52 15.83 -35.03 6.08
CA PRO A 52 14.60 -35.79 6.25
C PRO A 52 13.29 -34.99 6.23
N LEU A 53 13.38 -33.68 6.44
CA LEU A 53 12.18 -32.86 6.63
C LEU A 53 11.77 -32.18 5.33
N LEU A 54 12.62 -32.30 4.32
CA LEU A 54 12.39 -31.70 3.01
C LEU A 54 11.43 -32.60 2.23
N ILE A 55 10.26 -32.82 2.83
CA ILE A 55 9.21 -33.67 2.27
C ILE A 55 7.91 -32.92 2.43
N GLU A 56 6.95 -33.24 1.57
CA GLU A 56 5.61 -32.68 1.64
C GLU A 56 4.95 -33.11 2.96
N ARG A 57 4.60 -32.13 3.80
CA ARG A 57 4.19 -32.45 5.17
C ARG A 57 3.04 -31.58 5.67
N TYR A 58 2.04 -31.36 4.80
CA TYR A 58 0.80 -30.73 5.20
C TYR A 58 0.04 -31.67 6.13
N PRO A 59 -0.87 -31.14 6.98
CA PRO A 59 -1.43 -31.90 8.11
C PRO A 59 -2.33 -33.07 7.72
N GLY A 60 -2.01 -34.27 8.24
CA GLY A 60 -2.73 -35.49 7.91
C GLY A 60 -1.99 -36.34 6.85
N SER A 61 -1.02 -35.70 6.18
CA SER A 61 -0.22 -36.30 5.13
C SER A 61 0.74 -37.33 5.71
N PRO A 62 1.22 -38.32 4.92
CA PRO A 62 2.28 -39.21 5.38
C PRO A 62 3.43 -38.36 5.92
N GLY A 63 3.78 -37.30 5.16
CA GLY A 63 4.87 -36.43 5.53
C GLY A 63 4.74 -35.90 6.96
N SER A 64 3.51 -35.55 7.36
CA SER A 64 3.22 -34.96 8.65
C SER A 64 3.69 -35.91 9.76
N TYR A 65 3.23 -37.16 9.66
CA TYR A 65 3.47 -38.19 10.66
C TYR A 65 4.96 -38.47 10.80
N ALA A 66 5.67 -38.47 9.67
CA ALA A 66 7.09 -38.81 9.64
C ALA A 66 7.90 -37.63 10.18
N ALA A 67 7.56 -36.43 9.69
CA ALA A 67 8.16 -35.20 10.16
C ALA A 67 8.16 -35.20 11.68
N ARG A 68 6.97 -35.47 12.23
CA ARG A 68 6.72 -35.48 13.67
C ARG A 68 7.54 -36.61 14.31
N GLN A 69 7.64 -37.75 13.62
CA GLN A 69 8.35 -38.89 14.16
C GLN A 69 9.86 -38.63 14.09
N HIS A 70 10.28 -37.87 13.08
CA HIS A 70 11.69 -37.60 12.88
C HIS A 70 12.21 -36.68 13.98
N ILE A 71 11.36 -35.76 14.39
CA ILE A 71 11.73 -34.73 15.34
C ILE A 71 11.91 -35.38 16.71
N MET A 72 10.92 -36.17 17.11
CA MET A 72 11.00 -36.82 18.41
C MET A 72 12.15 -37.82 18.43
N GLN A 73 12.39 -38.52 17.30
CA GLN A 73 13.52 -39.44 17.19
C GLN A 73 14.80 -38.68 17.53
N ARG A 74 14.94 -37.47 16.98
CA ARG A 74 16.18 -36.71 17.05
C ARG A 74 16.43 -36.24 18.48
N ILE A 75 15.35 -35.85 19.17
CA ILE A 75 15.44 -35.33 20.52
C ILE A 75 15.59 -36.49 21.48
N GLN A 76 14.84 -37.56 21.23
CA GLN A 76 14.88 -38.68 22.16
C GLN A 76 16.30 -39.21 22.28
N ARG A 77 17.14 -38.88 21.30
CA ARG A 77 18.49 -39.45 21.28
C ARG A 77 19.45 -38.57 22.06
N LEU A 78 18.93 -37.49 22.67
CA LEU A 78 19.78 -36.59 23.45
C LEU A 78 19.61 -36.89 24.94
N GLN A 79 20.67 -36.62 25.72
CA GLN A 79 20.80 -37.01 27.12
C GLN A 79 20.13 -36.01 28.05
N ALA A 80 20.14 -34.72 27.69
CA ALA A 80 19.41 -33.73 28.48
C ALA A 80 17.97 -34.23 28.66
N ASP A 81 17.45 -34.08 29.88
CA ASP A 81 16.17 -34.69 30.20
C ASP A 81 15.03 -33.90 29.57
N TRP A 82 14.96 -33.98 28.23
CA TRP A 82 13.87 -33.47 27.42
C TRP A 82 12.56 -34.21 27.72
N VAL A 83 11.48 -33.44 27.91
CA VAL A 83 10.15 -33.99 28.08
C VAL A 83 9.31 -33.62 26.85
N LEU A 84 8.99 -34.65 26.06
CA LEU A 84 8.19 -34.49 24.86
C LEU A 84 6.70 -34.65 25.19
N GLU A 85 5.84 -34.16 24.28
CA GLU A 85 4.43 -33.95 24.54
C GLU A 85 3.74 -33.53 23.24
N ILE A 86 2.64 -34.22 22.87
CA ILE A 86 1.94 -33.97 21.61
C ILE A 86 0.58 -33.34 21.88
N ASP A 87 0.44 -32.10 21.43
CA ASP A 87 -0.83 -31.40 21.49
C ASP A 87 -1.58 -31.74 20.22
N THR A 88 -2.37 -32.81 20.29
CA THR A 88 -3.17 -33.25 19.15
C THR A 88 -4.60 -32.79 19.37
N PHE A 89 -5.19 -32.19 18.35
CA PHE A 89 -6.57 -31.75 18.45
C PHE A 89 -7.20 -31.79 17.07
N LEU A 90 -8.52 -31.92 17.05
CA LEU A 90 -9.26 -31.75 15.82
C LEU A 90 -9.69 -30.30 15.72
N SER A 91 -9.78 -29.82 14.47
CA SER A 91 -10.37 -28.53 14.15
C SER A 91 -10.93 -28.54 12.74
N GLN A 92 -12.04 -27.81 12.53
CA GLN A 92 -12.64 -27.61 11.21
C GLN A 92 -11.67 -26.81 10.34
N THR A 93 -11.70 -27.09 9.05
CA THR A 93 -10.89 -26.35 8.09
C THR A 93 -11.70 -26.16 6.80
N PRO A 94 -11.25 -25.27 5.91
CA PRO A 94 -11.67 -25.30 4.51
C PRO A 94 -11.87 -26.70 3.93
N GLU A 95 -10.87 -27.58 4.02
CA GLU A 95 -10.91 -28.89 3.38
C GLU A 95 -11.68 -29.92 4.23
N GLY A 96 -12.34 -29.45 5.29
CA GLY A 96 -12.99 -30.33 6.26
C GLY A 96 -12.09 -30.62 7.45
N GLU A 97 -12.63 -31.36 8.44
CA GLU A 97 -12.02 -31.59 9.73
C GLU A 97 -10.61 -32.15 9.57
N ARG A 98 -9.71 -31.76 10.50
CA ARG A 98 -8.32 -32.19 10.43
C ARG A 98 -7.69 -32.28 11.82
N SER A 99 -6.84 -33.29 11.97
CA SER A 99 -6.11 -33.52 13.21
C SER A 99 -4.77 -32.79 13.19
N PHE A 100 -4.55 -31.96 14.22
CA PHE A 100 -3.34 -31.20 14.34
C PHE A 100 -2.54 -31.71 15.53
N SER A 101 -1.21 -31.61 15.44
CA SER A 101 -0.34 -32.08 16.51
C SER A 101 0.90 -31.22 16.67
N ASN A 102 0.85 -30.32 17.66
CA ASN A 102 2.00 -29.53 18.07
C ASN A 102 2.96 -30.41 18.85
N ILE A 103 4.26 -30.24 18.59
CA ILE A 103 5.33 -30.92 19.30
C ILE A 103 5.95 -29.93 20.28
N ILE A 104 5.80 -30.17 21.58
CA ILE A 104 6.45 -29.38 22.63
C ILE A 104 7.59 -30.20 23.22
N SER A 105 8.68 -29.53 23.62
CA SER A 105 9.83 -30.21 24.17
C SER A 105 10.43 -29.40 25.30
N THR A 106 10.22 -29.84 26.54
CA THR A 106 10.59 -29.05 27.70
C THR A 106 11.75 -29.74 28.45
N LEU A 107 12.75 -28.94 28.85
CA LEU A 107 13.62 -29.31 29.95
C LEU A 107 13.00 -28.74 31.22
N ASN A 108 13.06 -29.50 32.32
CA ASN A 108 12.67 -29.00 33.63
C ASN A 108 11.28 -28.37 33.58
N PRO A 109 10.20 -29.14 33.31
CA PRO A 109 8.89 -28.56 32.96
C PRO A 109 8.23 -27.79 34.10
N THR A 110 8.54 -28.20 35.33
CA THR A 110 7.85 -27.62 36.46
C THR A 110 8.55 -26.33 36.88
N ALA A 111 9.64 -25.98 36.19
CA ALA A 111 10.30 -24.69 36.38
C ALA A 111 9.36 -23.60 35.92
N LYS A 112 9.25 -22.55 36.72
CA LYS A 112 8.28 -21.46 36.55
C LYS A 112 8.48 -20.77 35.20
N ARG A 113 9.75 -20.60 34.80
CA ARG A 113 10.15 -19.80 33.65
C ARG A 113 10.76 -20.66 32.56
N HIS A 114 10.43 -20.34 31.30
CA HIS A 114 11.06 -20.97 30.17
C HIS A 114 11.30 -19.95 29.07
N LEU A 115 12.52 -19.92 28.55
CA LEU A 115 12.77 -19.37 27.24
C LEU A 115 12.26 -20.39 26.22
N VAL A 116 11.60 -19.90 25.16
CA VAL A 116 10.87 -20.75 24.24
C VAL A 116 11.31 -20.43 22.80
N LEU A 117 11.86 -21.45 22.12
CA LEU A 117 12.15 -21.40 20.67
C LEU A 117 11.03 -22.14 19.95
N ALA A 118 10.70 -21.70 18.73
CA ALA A 118 9.57 -22.30 18.03
C ALA A 118 9.61 -22.00 16.54
N CYS A 119 8.97 -22.89 15.78
CA CYS A 119 8.74 -22.73 14.36
C CYS A 119 7.55 -23.62 14.00
N HIS A 120 7.39 -23.91 12.69
CA HIS A 120 6.31 -24.75 12.23
C HIS A 120 6.84 -25.90 11.38
N TYR A 121 6.40 -27.11 11.72
CA TYR A 121 6.86 -28.29 11.00
C TYR A 121 5.96 -28.57 9.80
N ASP A 122 4.70 -28.10 9.83
CA ASP A 122 3.83 -28.26 8.69
C ASP A 122 4.43 -27.54 7.49
N SER A 123 3.96 -27.91 6.29
CA SER A 123 4.21 -27.16 5.07
C SER A 123 2.88 -26.85 4.39
N LYS A 124 2.89 -25.87 3.47
CA LYS A 124 1.66 -25.41 2.80
C LYS A 124 1.27 -26.40 1.70
N TYR A 125 -0.04 -26.53 1.45
CA TYR A 125 -0.50 -27.41 0.39
C TYR A 125 -0.39 -26.74 -0.98
N PHE A 126 0.01 -27.53 -1.98
CA PHE A 126 0.06 -27.13 -3.37
C PHE A 126 -0.17 -28.34 -4.27
N SER A 127 -0.89 -28.11 -5.39
CA SER A 127 -1.12 -29.12 -6.41
C SER A 127 0.17 -29.39 -7.16
N HIS A 128 0.32 -30.62 -7.66
CA HIS A 128 1.58 -31.16 -8.14
C HIS A 128 1.90 -30.62 -9.53
N TRP A 129 2.05 -29.30 -9.63
CA TRP A 129 2.40 -28.59 -10.85
C TRP A 129 3.69 -29.16 -11.42
N ASN A 130 3.56 -29.98 -12.48
CA ASN A 130 4.66 -30.56 -13.21
C ASN A 130 5.46 -31.51 -12.31
N ASN A 131 4.76 -32.48 -11.71
CA ASN A 131 5.35 -33.52 -10.88
C ASN A 131 6.35 -32.94 -9.87
N ARG A 132 6.11 -31.69 -9.47
CA ARG A 132 6.93 -31.01 -8.47
C ARG A 132 6.16 -30.88 -7.17
N VAL A 133 6.89 -30.87 -6.05
CA VAL A 133 6.31 -30.91 -4.74
C VAL A 133 6.93 -29.83 -3.85
N PHE A 134 6.07 -29.05 -3.18
CA PHE A 134 6.53 -28.00 -2.30
C PHE A 134 6.97 -28.64 -0.98
N VAL A 135 8.22 -28.36 -0.59
CA VAL A 135 8.83 -28.95 0.59
C VAL A 135 9.15 -27.88 1.64
N GLY A 136 8.88 -26.61 1.30
CA GLY A 136 9.09 -25.49 2.22
C GLY A 136 10.42 -25.53 2.96
N ALA A 137 11.51 -25.36 2.20
CA ALA A 137 12.86 -25.45 2.74
C ALA A 137 13.05 -24.41 3.85
N THR A 138 13.02 -23.14 3.44
CA THR A 138 13.27 -22.02 4.34
C THR A 138 12.04 -21.77 5.21
N ASP A 139 10.98 -22.55 4.97
CA ASP A 139 9.63 -22.20 5.37
C ASP A 139 8.87 -23.44 5.85
N SER A 140 9.27 -24.04 6.98
CA SER A 140 10.36 -23.62 7.86
C SER A 140 11.10 -24.86 8.33
N ALA A 141 11.48 -25.70 7.36
CA ALA A 141 12.23 -26.92 7.65
C ALA A 141 13.59 -26.57 8.24
N VAL A 142 14.20 -25.51 7.72
CA VAL A 142 15.49 -25.09 8.22
C VAL A 142 15.34 -24.62 9.67
N PRO A 143 14.43 -23.67 9.99
CA PRO A 143 14.11 -23.37 11.38
C PRO A 143 14.04 -24.59 12.30
N CYS A 144 13.31 -25.63 11.86
CA CYS A 144 13.20 -26.90 12.58
C CYS A 144 14.57 -27.54 12.80
N ALA A 145 15.38 -27.60 11.73
CA ALA A 145 16.70 -28.23 11.80
C ALA A 145 17.58 -27.48 12.79
N MET A 146 17.72 -26.16 12.58
CA MET A 146 18.57 -25.32 13.39
C MET A 146 18.24 -25.48 14.88
N MET A 147 16.95 -25.65 15.18
CA MET A 147 16.48 -25.87 16.54
C MET A 147 17.04 -27.19 17.06
N LEU A 148 16.95 -28.22 16.20
CA LEU A 148 17.35 -29.57 16.52
C LEU A 148 18.87 -29.65 16.58
N GLU A 149 19.54 -28.75 15.85
CA GLU A 149 20.99 -28.65 15.88
C GLU A 149 21.41 -28.00 17.19
N LEU A 150 20.74 -26.89 17.53
CA LEU A 150 20.92 -26.21 18.81
C LEU A 150 20.80 -27.23 19.93
N ALA A 151 19.74 -28.04 19.87
CA ALA A 151 19.45 -29.02 20.91
C ALA A 151 20.63 -29.99 21.06
N ARG A 152 21.29 -30.28 19.93
CA ARG A 152 22.40 -31.23 19.91
C ARG A 152 23.68 -30.52 20.33
N ALA A 153 24.03 -29.47 19.57
CA ALA A 153 25.26 -28.74 19.76
C ALA A 153 25.42 -28.37 21.24
N LEU A 154 24.32 -28.35 22.00
CA LEU A 154 24.40 -27.80 23.34
C LEU A 154 24.10 -28.86 24.39
N ASP A 155 24.07 -30.14 24.00
CA ASP A 155 23.56 -31.17 24.88
C ASP A 155 24.31 -31.18 26.22
N LYS A 156 25.64 -31.32 26.19
CA LYS A 156 26.44 -31.36 27.40
C LYS A 156 26.06 -30.20 28.32
N LYS A 157 26.15 -28.97 27.79
CA LYS A 157 25.90 -27.76 28.58
C LYS A 157 24.51 -27.82 29.17
N LEU A 158 23.53 -28.19 28.35
CA LEU A 158 22.13 -28.19 28.75
C LEU A 158 21.85 -29.22 29.84
N LEU A 159 22.63 -30.31 29.83
CA LEU A 159 22.41 -31.42 30.74
C LEU A 159 22.60 -30.97 32.20
N SER A 160 23.24 -29.81 32.39
CA SER A 160 23.54 -29.30 33.71
C SER A 160 22.28 -28.72 34.38
N LEU A 161 21.32 -28.28 33.55
CA LEU A 161 20.04 -27.74 34.02
C LEU A 161 19.22 -28.83 34.72
N LYS A 162 19.81 -30.01 34.90
CA LYS A 162 19.16 -31.06 35.67
C LYS A 162 19.41 -30.79 37.16
N THR A 163 20.59 -30.25 37.48
CA THR A 163 20.96 -29.94 38.85
C THR A 163 20.36 -28.59 39.26
N ASP A 166 20.49 -24.52 43.82
CA ASP A 166 20.36 -23.58 44.96
C ASP A 166 20.42 -22.13 44.44
N SER A 167 21.36 -21.88 43.54
CA SER A 167 21.82 -20.52 43.22
C SER A 167 21.38 -20.07 41.82
N LYS A 168 20.28 -20.65 41.30
CA LYS A 168 19.83 -20.32 39.96
C LYS A 168 18.45 -19.66 40.01
N PRO A 169 18.10 -18.81 39.01
CA PRO A 169 16.70 -18.47 38.74
C PRO A 169 15.98 -19.72 38.24
N ASP A 170 14.66 -19.75 38.40
CA ASP A 170 13.88 -20.93 38.10
C ASP A 170 13.50 -20.92 36.62
N LEU A 171 14.44 -21.30 35.75
CA LEU A 171 14.38 -21.04 34.31
C LEU A 171 14.98 -22.18 33.49
N SER A 172 14.20 -22.70 32.56
CA SER A 172 14.77 -23.65 31.61
C SER A 172 14.41 -23.29 30.17
N LEU A 173 14.58 -24.27 29.27
CA LEU A 173 14.39 -24.09 27.84
C LEU A 173 13.22 -24.95 27.36
N GLN A 174 12.48 -24.46 26.36
CA GLN A 174 11.40 -25.21 25.74
C GLN A 174 11.43 -25.01 24.23
N LEU A 175 11.25 -26.10 23.48
CA LEU A 175 11.09 -26.01 22.04
C LEU A 175 9.64 -26.32 21.68
N ILE A 176 9.06 -25.48 20.82
CA ILE A 176 7.77 -25.79 20.25
C ILE A 176 7.95 -25.98 18.75
N PHE A 177 7.20 -26.93 18.19
CA PHE A 177 7.05 -27.10 16.76
C PHE A 177 5.56 -27.13 16.46
N PHE A 178 5.03 -25.96 16.07
CA PHE A 178 3.62 -25.78 15.80
C PHE A 178 3.23 -26.51 14.51
N ASP A 179 2.00 -27.03 14.51
CA ASP A 179 1.44 -27.67 13.32
C ASP A 179 0.39 -26.73 12.72
N GLY A 180 0.10 -26.90 11.42
CA GLY A 180 -0.96 -26.16 10.75
C GLY A 180 -0.88 -24.65 10.94
N GLU A 181 0.34 -24.10 10.89
CA GLU A 181 0.51 -22.67 10.88
C GLU A 181 -0.10 -22.13 9.59
N GLU A 182 0.26 -22.79 8.47
CA GLU A 182 -0.10 -22.40 7.12
C GLU A 182 -1.62 -22.42 6.92
N ALA A 183 -2.09 -21.50 6.05
CA ALA A 183 -3.46 -21.46 5.57
C ALA A 183 -3.68 -22.57 4.55
N PHE A 184 -4.90 -23.10 4.54
CA PHE A 184 -5.27 -24.15 3.60
C PHE A 184 -5.65 -23.54 2.27
N LEU A 185 -6.27 -22.36 2.30
CA LEU A 185 -6.94 -21.79 1.14
C LEU A 185 -6.64 -20.28 1.04
N HIS A 186 -7.53 -19.46 1.62
CA HIS A 186 -7.26 -18.05 1.84
C HIS A 186 -6.85 -17.85 3.30
N TRP A 187 -5.64 -17.30 3.50
CA TRP A 187 -5.16 -16.92 4.81
C TRP A 187 -6.13 -15.96 5.49
N SER A 188 -6.54 -16.29 6.72
CA SER A 188 -7.52 -15.51 7.46
C SER A 188 -7.47 -15.90 8.94
N PRO A 189 -8.13 -15.13 9.84
CA PRO A 189 -8.13 -15.45 11.26
C PRO A 189 -8.36 -16.93 11.55
N GLN A 190 -9.13 -17.60 10.68
CA GLN A 190 -9.70 -18.92 10.92
C GLN A 190 -9.08 -19.95 9.98
N ASP A 191 -8.36 -19.50 8.95
CA ASP A 191 -7.62 -20.43 8.11
C ASP A 191 -6.14 -20.10 8.16
N SER A 192 -5.48 -20.44 9.27
CA SER A 192 -4.12 -20.04 9.59
C SER A 192 -3.84 -20.42 11.03
N LEU A 193 -2.56 -20.55 11.35
CA LEU A 193 -2.11 -20.56 12.74
C LEU A 193 -3.01 -21.49 13.54
N TYR A 194 -3.25 -22.69 12.97
CA TYR A 194 -4.15 -23.65 13.58
C TYR A 194 -3.48 -24.16 14.85
N GLY A 195 -2.19 -24.50 14.72
CA GLY A 195 -1.46 -25.10 15.83
C GLY A 195 -1.35 -24.13 16.99
N SER A 196 -0.82 -22.94 16.66
CA SER A 196 -0.50 -21.89 17.61
C SER A 196 -1.76 -21.44 18.33
N ARG A 197 -2.81 -21.17 17.54
CA ARG A 197 -4.01 -20.58 18.09
C ARG A 197 -4.52 -21.44 19.24
N HIS A 198 -4.35 -22.76 19.11
CA HIS A 198 -4.93 -23.72 20.03
C HIS A 198 -4.05 -23.88 21.29
N LEU A 199 -2.76 -24.09 21.09
CA LEU A 199 -1.83 -24.26 22.20
C LEU A 199 -1.83 -23.00 23.06
N ALA A 200 -1.88 -21.84 22.40
CA ALA A 200 -1.88 -20.55 23.07
C ALA A 200 -3.05 -20.49 24.04
N ALA A 201 -4.24 -20.80 23.55
CA ALA A 201 -5.46 -20.75 24.34
C ALA A 201 -5.40 -21.78 25.47
N LYS A 202 -4.79 -22.93 25.19
CA LYS A 202 -4.62 -23.97 26.19
C LYS A 202 -3.68 -23.52 27.30
N MET A 203 -2.48 -23.05 26.94
CA MET A 203 -1.53 -22.50 27.89
C MET A 203 -2.17 -21.37 28.72
N ALA A 204 -2.92 -20.47 28.06
CA ALA A 204 -3.52 -19.31 28.69
C ALA A 204 -4.34 -19.72 29.92
N SER A 205 -4.84 -20.96 29.90
CA SER A 205 -5.79 -21.36 30.91
C SER A 205 -5.27 -22.54 31.73
N THR A 206 -4.04 -22.98 31.44
CA THR A 206 -3.43 -24.03 32.25
C THR A 206 -2.64 -23.41 33.39
N PRO A 207 -3.07 -23.60 34.65
CA PRO A 207 -2.34 -23.09 35.82
C PRO A 207 -0.88 -23.53 35.80
N HIS A 208 0.01 -22.61 36.22
CA HIS A 208 1.43 -22.88 36.27
C HIS A 208 2.06 -21.92 37.27
N PRO A 209 2.92 -22.42 38.19
CA PRO A 209 3.20 -23.85 38.29
C PRO A 209 1.95 -24.57 38.77
N PRO A 210 1.89 -25.92 38.66
CA PRO A 210 0.71 -26.65 39.12
C PRO A 210 0.32 -26.14 40.50
N GLY A 211 -0.97 -25.79 40.64
CA GLY A 211 -1.56 -25.49 41.94
C GLY A 211 -1.41 -24.03 42.35
N ALA A 212 -1.06 -23.16 41.39
CA ALA A 212 -0.90 -21.73 41.64
C ALA A 212 -2.24 -21.02 41.46
N ARG A 213 -2.35 -19.85 42.10
CA ARG A 213 -3.40 -18.86 41.87
C ARG A 213 -2.97 -17.95 40.72
N GLY A 214 -3.92 -17.57 39.86
CA GLY A 214 -3.69 -16.48 38.91
C GLY A 214 -2.80 -16.84 37.72
N THR A 215 -1.57 -17.32 37.99
CA THR A 215 -0.54 -17.42 36.96
C THR A 215 -0.76 -18.66 36.10
N SER A 216 -0.63 -18.47 34.78
CA SER A 216 -0.82 -19.52 33.79
C SER A 216 0.52 -19.92 33.17
N GLN A 217 0.47 -20.89 32.26
CA GLN A 217 1.66 -21.34 31.56
C GLN A 217 2.22 -20.22 30.68
N LEU A 218 1.40 -19.21 30.36
CA LEU A 218 1.83 -18.12 29.50
C LEU A 218 2.70 -17.15 30.28
N HIS A 219 2.42 -17.00 31.58
CA HIS A 219 3.32 -16.29 32.48
C HIS A 219 4.71 -16.92 32.43
N GLY A 220 4.75 -18.20 32.05
CA GLY A 220 5.98 -18.99 32.01
C GLY A 220 6.93 -18.57 30.90
N MET A 221 6.37 -18.14 29.77
CA MET A 221 7.19 -17.78 28.63
C MET A 221 7.83 -16.42 28.84
N ASP A 222 9.08 -16.45 29.31
CA ASP A 222 9.92 -15.27 29.42
C ASP A 222 9.90 -14.57 28.07
N LEU A 223 10.21 -15.32 27.02
CA LEU A 223 10.38 -14.75 25.71
C LEU A 223 10.06 -15.85 24.70
N LEU A 224 9.36 -15.51 23.61
CA LEU A 224 9.10 -16.44 22.53
C LEU A 224 9.99 -16.07 21.34
N VAL A 225 10.94 -16.95 21.01
CA VAL A 225 11.83 -16.71 19.88
C VAL A 225 11.36 -17.50 18.65
N LEU A 226 10.66 -16.83 17.72
CA LEU A 226 10.02 -17.55 16.62
C LEU A 226 10.83 -17.44 15.33
N LEU A 227 11.33 -18.60 14.88
CA LEU A 227 12.10 -18.71 13.65
C LEU A 227 11.16 -19.03 12.51
N ASP A 228 11.28 -18.27 11.43
CA ASP A 228 10.47 -18.49 10.25
C ASP A 228 11.20 -17.91 9.03
N LEU A 229 11.12 -18.65 7.91
CA LEU A 229 11.55 -18.24 6.58
C LEU A 229 13.06 -17.98 6.58
N ILE A 230 13.83 -18.94 7.09
CA ILE A 230 15.25 -18.71 7.28
C ILE A 230 16.03 -19.69 6.39
N GLY A 231 16.99 -19.17 5.62
CA GLY A 231 17.78 -20.04 4.77
C GLY A 231 18.13 -19.43 3.42
N ALA A 232 17.50 -18.30 3.08
CA ALA A 232 17.93 -17.54 1.92
C ALA A 232 19.24 -16.82 2.28
N PRO A 233 20.11 -16.46 1.31
CA PRO A 233 21.32 -15.70 1.64
C PRO A 233 20.88 -14.27 1.92
N ASN A 234 21.76 -13.54 2.62
CA ASN A 234 21.59 -12.13 2.94
C ASN A 234 20.14 -11.85 3.35
N PRO A 235 19.67 -12.49 4.45
CA PRO A 235 18.40 -12.10 5.05
C PRO A 235 18.62 -10.81 5.84
N THR A 236 17.59 -9.98 5.88
CA THR A 236 17.60 -8.87 6.81
C THR A 236 16.46 -9.05 7.81
N PHE A 237 16.80 -9.18 9.09
CA PHE A 237 15.79 -9.18 10.13
C PHE A 237 15.58 -7.75 10.63
N PRO A 238 14.33 -7.25 10.67
CA PRO A 238 14.02 -6.05 11.42
C PRO A 238 13.75 -6.38 12.89
N ASN A 239 13.98 -5.37 13.73
CA ASN A 239 13.54 -5.30 15.11
C ASN A 239 12.06 -4.89 15.12
N PHE A 240 11.19 -5.81 15.50
CA PHE A 240 9.75 -5.59 15.41
C PHE A 240 9.20 -4.97 16.69
N PHE A 241 9.64 -5.49 17.86
CA PHE A 241 8.98 -5.27 19.13
C PHE A 241 9.87 -4.46 20.08
N PRO A 242 9.34 -3.33 20.59
CA PRO A 242 10.05 -2.49 21.56
C PRO A 242 10.22 -3.26 22.87
N ASN A 243 9.16 -3.98 23.25
CA ASN A 243 9.12 -4.69 24.51
C ASN A 243 10.15 -5.82 24.53
N SER A 244 10.87 -6.00 23.42
CA SER A 244 11.79 -7.13 23.25
C SER A 244 13.05 -6.71 22.49
N ALA A 245 13.15 -5.39 22.27
CA ALA A 245 14.18 -4.76 21.45
C ALA A 245 15.57 -4.94 22.07
N ARG A 246 15.65 -5.16 23.39
CA ARG A 246 16.94 -5.31 24.06
C ARG A 246 17.57 -6.67 23.73
N TRP A 247 16.73 -7.68 23.53
CA TRP A 247 17.24 -8.99 23.15
C TRP A 247 17.67 -8.96 21.70
N PHE A 248 16.97 -8.17 20.88
CA PHE A 248 17.37 -7.98 19.49
C PHE A 248 18.80 -7.44 19.46
N GLU A 249 19.07 -6.45 20.33
CA GLU A 249 20.38 -5.80 20.46
C GLU A 249 21.47 -6.81 20.83
N ARG A 250 21.12 -7.77 21.70
CA ARG A 250 22.05 -8.82 22.04
C ARG A 250 22.40 -9.62 20.78
N LEU A 251 21.39 -9.81 19.91
CA LEU A 251 21.58 -10.57 18.69
C LEU A 251 22.47 -9.78 17.73
N GLN A 252 22.34 -8.45 17.74
CA GLN A 252 23.16 -7.61 16.90
C GLN A 252 24.60 -7.69 17.38
N ALA A 253 24.78 -7.52 18.70
CA ALA A 253 26.08 -7.60 19.34
C ALA A 253 26.77 -8.92 19.00
N ILE A 254 26.07 -10.05 19.26
CA ILE A 254 26.67 -11.36 19.09
C ILE A 254 27.12 -11.55 17.64
N GLU A 255 26.31 -11.08 16.69
CA GLU A 255 26.65 -11.17 15.28
C GLU A 255 28.00 -10.49 15.04
N HIS A 256 28.11 -9.27 15.55
CA HIS A 256 29.30 -8.46 15.37
C HIS A 256 30.51 -9.16 15.99
N GLU A 257 30.32 -9.60 17.25
CA GLU A 257 31.36 -10.20 18.07
C GLU A 257 32.01 -11.36 17.31
N LEU A 258 31.18 -12.29 16.83
CA LEU A 258 31.66 -13.47 16.12
C LEU A 258 32.29 -13.07 14.79
N HIS A 259 31.70 -12.10 14.09
CA HIS A 259 32.32 -11.59 12.88
C HIS A 259 33.73 -11.11 13.20
N GLU A 260 33.84 -10.33 14.28
CA GLU A 260 35.11 -9.76 14.70
C GLU A 260 36.14 -10.86 14.86
N LEU A 261 35.85 -11.84 15.72
CA LEU A 261 36.75 -12.95 16.01
C LEU A 261 36.90 -13.86 14.79
N GLY A 262 36.33 -13.43 13.65
CA GLY A 262 36.34 -14.20 12.42
C GLY A 262 35.88 -15.64 12.63
N LEU A 263 34.66 -15.80 13.16
CA LEU A 263 34.12 -17.09 13.53
C LEU A 263 32.91 -17.38 12.64
N LEU A 264 32.73 -16.53 11.63
CA LEU A 264 31.69 -16.69 10.64
C LEU A 264 32.33 -17.10 9.31
N LYS A 265 31.48 -17.42 8.34
CA LYS A 265 31.92 -17.67 6.97
C LYS A 265 31.09 -16.79 6.02
N ASP A 266 31.77 -16.07 5.13
CA ASP A 266 31.17 -15.19 4.13
C ASP A 266 30.16 -14.27 4.81
N HIS A 267 30.67 -13.18 5.40
CA HIS A 267 29.84 -12.28 6.18
C HIS A 267 30.49 -10.90 6.13
N SER A 268 29.66 -9.85 6.00
CA SER A 268 30.15 -8.48 6.07
C SER A 268 29.23 -7.65 6.96
N LEU A 269 29.77 -6.60 7.59
CA LEU A 269 29.00 -5.78 8.50
C LEU A 269 27.99 -4.96 7.69
N GLU A 270 28.37 -4.60 6.45
CA GLU A 270 27.51 -3.84 5.57
C GLU A 270 26.36 -4.73 5.10
N GLY A 271 26.68 -6.02 4.83
CA GLY A 271 25.70 -7.05 4.52
C GLY A 271 25.47 -8.00 5.69
N ARG A 272 24.78 -7.49 6.73
CA ARG A 272 24.54 -8.23 7.97
C ARG A 272 23.04 -8.43 8.19
N TYR A 273 22.72 -9.20 9.24
CA TYR A 273 21.43 -9.86 9.39
C TYR A 273 20.46 -9.05 10.25
N PHE A 274 20.96 -8.55 11.37
CA PHE A 274 20.12 -7.83 12.32
C PHE A 274 20.34 -6.33 12.18
N GLN A 275 19.36 -5.70 11.53
CA GLN A 275 19.38 -4.28 11.22
C GLN A 275 18.53 -3.55 12.24
N ASN A 276 18.99 -2.35 12.65
CA ASN A 276 18.39 -1.70 13.80
C ASN A 276 17.11 -0.95 13.41
N TYR A 277 16.64 -1.15 12.18
CA TYR A 277 15.41 -0.48 11.77
C TYR A 277 14.19 -1.31 12.17
N SER A 278 13.01 -0.65 12.14
CA SER A 278 11.73 -1.22 12.54
C SER A 278 11.06 -1.82 11.31
N TYR A 279 9.80 -2.27 11.49
CA TYR A 279 9.07 -2.85 10.37
C TYR A 279 7.76 -2.10 10.10
N GLY A 280 7.49 -1.94 8.79
CA GLY A 280 6.40 -1.17 8.22
C GLY A 280 5.02 -1.66 8.66
N GLY A 281 4.67 -2.87 8.21
CA GLY A 281 3.39 -3.48 8.56
C GLY A 281 3.44 -4.27 9.88
N VAL A 282 2.60 -5.31 9.94
CA VAL A 282 2.52 -6.20 11.09
C VAL A 282 2.50 -7.63 10.56
N ILE A 283 3.41 -8.49 11.00
CA ILE A 283 3.51 -9.79 10.33
C ILE A 283 2.76 -10.84 11.14
N GLN A 284 1.86 -11.54 10.45
CA GLN A 284 1.11 -12.66 11.01
C GLN A 284 1.95 -13.92 10.97
N ASP A 285 2.06 -14.56 12.14
CA ASP A 285 2.76 -15.83 12.32
C ASP A 285 2.23 -16.46 13.59
N ASP A 286 3.00 -17.44 14.12
CA ASP A 286 2.55 -18.32 15.17
C ASP A 286 2.51 -17.58 16.51
N HIS A 287 3.24 -16.46 16.57
CA HIS A 287 3.42 -15.70 17.78
C HIS A 287 2.20 -14.83 18.11
N ILE A 288 1.37 -14.53 17.10
CA ILE A 288 0.26 -13.60 17.27
C ILE A 288 -0.59 -13.97 18.49
N PRO A 289 -1.06 -15.24 18.61
CA PRO A 289 -1.96 -15.62 19.70
C PRO A 289 -1.28 -15.48 21.07
N PHE A 290 0.05 -15.62 21.06
CA PHE A 290 0.87 -15.48 22.25
C PHE A 290 1.04 -14.00 22.59
N LEU A 291 1.50 -13.24 21.59
CA LEU A 291 1.76 -11.82 21.74
C LEU A 291 0.50 -11.08 22.19
N ARG A 292 -0.66 -11.39 21.63
CA ARG A 292 -1.87 -10.65 21.97
C ARG A 292 -2.25 -10.90 23.42
N ARG A 293 -1.65 -11.93 24.02
CA ARG A 293 -1.90 -12.20 25.43
C ARG A 293 -0.75 -11.65 26.27
N GLY A 294 0.11 -10.86 25.64
CA GLY A 294 1.18 -10.18 26.34
C GLY A 294 2.38 -11.09 26.65
N VAL A 295 2.65 -12.02 25.76
CA VAL A 295 3.96 -12.65 25.77
C VAL A 295 4.92 -11.71 25.05
N PRO A 296 6.13 -11.49 25.61
CA PRO A 296 7.24 -10.89 24.88
C PRO A 296 7.64 -11.82 23.74
N VAL A 297 7.66 -11.27 22.52
CA VAL A 297 7.97 -12.03 21.32
C VAL A 297 9.23 -11.43 20.70
N LEU A 298 10.03 -12.31 20.10
CA LEU A 298 11.19 -11.92 19.33
C LEU A 298 11.05 -12.61 17.97
N HIS A 299 10.57 -11.87 16.96
CA HIS A 299 10.13 -12.49 15.72
C HIS A 299 11.27 -12.54 14.68
N LEU A 300 11.96 -13.69 14.64
CA LEU A 300 13.11 -13.88 13.77
C LEU A 300 12.65 -14.37 12.39
N ILE A 301 12.04 -13.43 11.65
CA ILE A 301 11.52 -13.62 10.31
C ILE A 301 12.14 -12.52 9.45
N PRO A 302 12.77 -12.85 8.30
CA PRO A 302 13.39 -11.83 7.43
C PRO A 302 12.40 -11.01 6.60
N SER A 303 12.70 -9.71 6.51
CA SER A 303 11.92 -8.76 5.75
C SER A 303 12.89 -8.04 4.82
N PRO A 304 12.92 -8.37 3.51
CA PRO A 304 11.86 -9.14 2.87
C PRO A 304 11.88 -10.64 3.18
N PHE A 305 10.79 -11.34 2.84
CA PHE A 305 10.84 -12.79 2.76
C PHE A 305 11.80 -13.19 1.64
N PRO A 306 12.33 -14.43 1.65
CA PRO A 306 13.12 -14.94 0.54
C PRO A 306 12.35 -14.86 -0.77
N GLU A 307 13.08 -14.65 -1.88
CA GLU A 307 12.52 -14.64 -3.22
C GLU A 307 11.60 -15.84 -3.43
N VAL A 308 12.07 -17.04 -3.04
CA VAL A 308 11.45 -18.31 -3.41
C VAL A 308 10.24 -18.59 -2.51
N TRP A 309 9.74 -17.55 -1.86
CA TRP A 309 8.67 -17.68 -0.90
C TRP A 309 7.36 -18.14 -1.55
N HIS A 310 6.82 -19.22 -0.99
CA HIS A 310 5.60 -19.86 -1.47
C HIS A 310 5.70 -20.15 -2.96
N THR A 311 6.86 -20.69 -3.36
CA THR A 311 7.15 -21.13 -4.70
C THR A 311 7.72 -22.51 -4.60
N MET A 312 7.69 -23.24 -5.73
CA MET A 312 8.28 -24.56 -5.81
C MET A 312 9.80 -24.45 -5.74
N ASP A 313 10.29 -23.21 -5.70
CA ASP A 313 11.72 -22.97 -5.72
C ASP A 313 12.27 -22.92 -4.29
N ASP A 314 11.35 -22.94 -3.33
CA ASP A 314 11.72 -22.95 -1.91
C ASP A 314 12.30 -24.32 -1.58
N ASN A 315 13.45 -24.62 -2.18
CA ASN A 315 14.05 -25.94 -2.11
C ASN A 315 15.48 -25.83 -1.59
N GLU A 316 16.12 -27.00 -1.50
CA GLU A 316 17.44 -27.17 -0.91
C GLU A 316 18.51 -26.63 -1.85
N GLU A 317 18.20 -26.71 -3.15
CA GLU A 317 19.06 -26.12 -4.13
C GLU A 317 19.30 -24.65 -3.78
N ASN A 318 18.36 -24.02 -3.07
CA ASN A 318 18.32 -22.57 -2.94
C ASN A 318 18.50 -22.08 -1.51
N LEU A 319 18.95 -22.97 -0.61
CA LEU A 319 19.35 -22.54 0.71
C LEU A 319 20.79 -22.07 0.64
N ASP A 320 21.23 -21.26 1.62
CA ASP A 320 22.62 -20.87 1.69
C ASP A 320 23.28 -21.52 2.90
N GLU A 321 24.26 -22.39 2.62
CA GLU A 321 24.89 -23.20 3.66
C GLU A 321 25.48 -22.30 4.73
N SER A 322 26.27 -21.31 4.30
CA SER A 322 26.97 -20.42 5.22
C SER A 322 26.01 -19.63 6.10
N THR A 323 24.89 -19.17 5.52
CA THR A 323 23.96 -18.31 6.22
C THR A 323 23.31 -19.06 7.38
N ILE A 324 22.92 -20.30 7.12
CA ILE A 324 22.27 -21.10 8.16
C ILE A 324 23.28 -21.35 9.28
N ASP A 325 24.51 -21.68 8.89
CA ASP A 325 25.59 -22.01 9.81
C ASP A 325 25.87 -20.82 10.73
N ASN A 326 26.05 -19.64 10.15
CA ASN A 326 26.31 -18.41 10.88
C ASN A 326 25.20 -18.18 11.91
N LEU A 327 23.96 -18.36 11.44
CA LEU A 327 22.82 -18.12 12.31
C LEU A 327 22.83 -19.11 13.47
N ASN A 328 23.08 -20.40 13.15
CA ASN A 328 23.28 -21.44 14.15
C ASN A 328 24.17 -20.92 15.29
N LYS A 329 25.36 -20.42 14.91
CA LYS A 329 26.33 -19.86 15.83
C LYS A 329 25.73 -18.74 16.67
N ILE A 330 25.00 -17.82 16.01
CA ILE A 330 24.44 -16.66 16.71
C ILE A 330 23.38 -17.11 17.71
N LEU A 331 22.43 -17.92 17.23
CA LEU A 331 21.30 -18.34 18.02
C LEU A 331 21.73 -19.18 19.22
N GLN A 332 22.81 -19.94 19.07
CA GLN A 332 23.32 -20.82 20.11
C GLN A 332 23.93 -20.00 21.26
N VAL A 333 24.69 -18.97 20.91
CA VAL A 333 25.33 -18.11 21.89
C VAL A 333 24.23 -17.40 22.68
N PHE A 334 23.26 -16.85 21.94
CA PHE A 334 22.16 -16.12 22.52
C PHE A 334 21.48 -16.92 23.64
N VAL A 335 21.20 -18.19 23.33
CA VAL A 335 20.44 -19.07 24.20
C VAL A 335 21.31 -19.43 25.42
N LEU A 336 22.59 -19.68 25.16
CA LEU A 336 23.48 -20.02 26.25
C LEU A 336 23.51 -18.86 27.25
N GLU A 337 23.70 -17.65 26.71
CA GLU A 337 23.78 -16.46 27.54
C GLU A 337 22.46 -16.26 28.26
N TYR A 338 21.35 -16.48 27.54
CA TYR A 338 20.05 -16.27 28.15
C TYR A 338 19.89 -17.20 29.35
N LEU A 339 20.45 -18.42 29.25
CA LEU A 339 20.23 -19.42 30.28
C LEU A 339 21.37 -19.43 31.29
N HIS A 340 22.40 -18.60 31.05
CA HIS A 340 23.59 -18.51 31.90
C HIS A 340 24.34 -19.83 31.90
N LEU A 341 24.70 -20.33 30.71
CA LEU A 341 25.29 -21.66 30.61
C LEU A 341 26.62 -21.58 29.86
N SER B 14 -18.89 35.71 -3.91
CA SER B 14 -20.10 34.90 -3.53
C SER B 14 -19.67 33.55 -2.93
N ALA B 15 -20.66 32.80 -2.45
CA ALA B 15 -20.46 31.50 -1.85
C ALA B 15 -21.58 30.58 -2.34
N TRP B 16 -21.60 30.36 -3.66
CA TRP B 16 -22.66 29.55 -4.25
C TRP B 16 -22.42 28.07 -4.00
N PRO B 17 -21.14 27.63 -3.84
CA PRO B 17 -20.88 26.23 -3.51
C PRO B 17 -21.53 25.77 -2.20
N GLU B 18 -22.01 26.72 -1.39
CA GLU B 18 -22.72 26.43 -0.17
C GLU B 18 -24.23 26.30 -0.43
N GLU B 19 -24.65 26.66 -1.65
CA GLU B 19 -26.08 26.71 -1.88
C GLU B 19 -26.66 25.31 -1.74
N LYS B 20 -25.80 24.31 -1.93
CA LYS B 20 -26.21 22.91 -1.82
C LYS B 20 -26.65 22.61 -0.39
N ASN B 21 -26.12 23.38 0.58
CA ASN B 21 -26.28 23.10 2.00
C ASN B 21 -27.62 23.60 2.50
N TYR B 22 -28.14 24.64 1.86
CA TYR B 22 -29.35 25.27 2.36
C TYR B 22 -30.55 24.78 1.55
N HIS B 23 -30.24 24.02 0.50
CA HIS B 23 -31.21 23.67 -0.53
C HIS B 23 -32.33 22.89 0.12
N GLN B 24 -33.58 23.31 -0.19
CA GLN B 24 -34.76 22.64 0.30
C GLN B 24 -35.51 22.03 -0.89
N PRO B 25 -36.24 20.90 -0.72
CA PRO B 25 -37.07 20.35 -1.78
C PRO B 25 -38.48 20.92 -1.75
N ALA B 26 -39.03 21.16 -2.94
CA ALA B 26 -40.41 21.59 -3.18
C ALA B 26 -41.29 20.36 -3.32
N ILE B 27 -42.00 20.04 -2.22
CA ILE B 27 -42.69 18.79 -1.97
C ILE B 27 -44.00 18.75 -2.76
N LEU B 28 -44.12 17.78 -3.68
CA LEU B 28 -45.29 17.65 -4.55
C LEU B 28 -46.52 17.23 -3.74
N ASN B 29 -47.72 17.52 -4.25
CA ASN B 29 -48.95 17.15 -3.56
C ASN B 29 -49.53 15.85 -4.12
N SER B 30 -50.60 15.36 -3.47
CA SER B 30 -51.17 14.05 -3.74
C SER B 30 -51.38 13.85 -5.22
N SER B 31 -51.93 14.89 -5.88
CA SER B 31 -52.20 14.91 -7.30
C SER B 31 -50.90 14.74 -8.08
N ALA B 32 -49.91 15.59 -7.78
CA ALA B 32 -48.63 15.54 -8.46
C ALA B 32 -48.03 14.16 -8.27
N LEU B 33 -48.28 13.58 -7.10
CA LEU B 33 -47.78 12.27 -6.74
C LEU B 33 -48.45 11.21 -7.60
N ARG B 34 -49.80 11.28 -7.69
CA ARG B 34 -50.56 10.36 -8.51
C ARG B 34 -50.10 10.48 -9.95
N GLN B 35 -49.92 11.73 -10.37
CA GLN B 35 -49.54 12.07 -11.73
C GLN B 35 -48.15 11.52 -12.06
N ILE B 36 -47.22 11.52 -11.07
CA ILE B 36 -45.87 11.01 -11.28
C ILE B 36 -45.93 9.50 -11.50
N ALA B 37 -46.64 8.83 -10.59
CA ALA B 37 -46.78 7.38 -10.59
C ALA B 37 -47.22 6.89 -11.97
N GLU B 38 -48.02 7.72 -12.65
CA GLU B 38 -48.60 7.35 -13.91
C GLU B 38 -47.56 7.52 -15.04
N GLY B 39 -46.83 8.62 -15.01
CA GLY B 39 -45.90 8.93 -16.09
C GLY B 39 -44.88 7.84 -16.33
N THR B 40 -44.64 6.98 -15.33
CA THR B 40 -43.68 5.90 -15.47
C THR B 40 -44.39 4.61 -15.90
N SER B 41 -43.79 3.91 -16.86
CA SER B 41 -44.26 2.60 -17.28
C SER B 41 -43.10 1.63 -17.08
N ILE B 42 -43.31 0.66 -16.19
CA ILE B 42 -42.26 -0.30 -15.90
C ILE B 42 -41.93 -1.12 -17.14
N SER B 43 -42.97 -1.42 -17.94
CA SER B 43 -42.81 -2.38 -19.01
C SER B 43 -42.21 -1.72 -20.24
N GLU B 44 -42.55 -0.43 -20.48
CA GLU B 44 -41.92 0.35 -21.54
C GLU B 44 -40.41 0.32 -21.32
N MET B 45 -39.99 0.45 -20.05
CA MET B 45 -38.59 0.40 -19.66
C MET B 45 -38.02 -0.98 -19.97
N TRP B 46 -38.68 -2.00 -19.43
CA TRP B 46 -38.23 -3.38 -19.47
C TRP B 46 -37.86 -3.78 -20.89
N GLN B 47 -38.76 -3.47 -21.82
CA GLN B 47 -38.56 -3.79 -23.21
C GLN B 47 -37.49 -2.85 -23.77
N ASN B 48 -37.76 -1.54 -23.67
CA ASN B 48 -37.09 -0.49 -24.44
C ASN B 48 -35.71 -0.15 -23.89
N ASP B 49 -35.60 -0.06 -22.56
CA ASP B 49 -34.39 0.44 -21.91
C ASP B 49 -33.57 -0.71 -21.34
N LEU B 50 -34.24 -1.68 -20.73
CA LEU B 50 -33.55 -2.64 -19.88
C LEU B 50 -32.98 -3.78 -20.71
N GLN B 51 -33.82 -4.38 -21.55
CA GLN B 51 -33.52 -5.65 -22.18
C GLN B 51 -32.32 -5.55 -23.11
N PRO B 52 -32.20 -4.49 -23.93
CA PRO B 52 -31.02 -4.33 -24.79
C PRO B 52 -29.67 -4.36 -24.07
N LEU B 53 -29.69 -4.17 -22.73
CA LEU B 53 -28.50 -4.03 -21.91
C LEU B 53 -28.13 -5.35 -21.26
N LEU B 54 -29.01 -6.34 -21.41
CA LEU B 54 -28.84 -7.61 -20.73
C LEU B 54 -27.96 -8.51 -21.59
N ILE B 55 -26.70 -8.09 -21.67
CA ILE B 55 -25.69 -8.65 -22.54
C ILE B 55 -24.36 -8.53 -21.80
N GLU B 56 -23.36 -9.27 -22.28
CA GLU B 56 -22.01 -9.21 -21.74
C GLU B 56 -21.38 -7.91 -22.23
N ARG B 57 -20.92 -7.06 -21.30
CA ARG B 57 -20.56 -5.70 -21.70
C ARG B 57 -19.37 -5.17 -20.90
N TYR B 58 -18.41 -6.05 -20.60
CA TYR B 58 -17.18 -5.62 -19.98
C TYR B 58 -16.42 -4.74 -20.97
N PRO B 59 -15.33 -4.05 -20.54
CA PRO B 59 -14.74 -2.98 -21.34
C PRO B 59 -13.94 -3.52 -22.52
N GLY B 60 -14.21 -2.94 -23.70
CA GLY B 60 -13.57 -3.37 -24.94
C GLY B 60 -14.39 -4.45 -25.65
N SER B 61 -15.25 -5.15 -24.91
CA SER B 61 -16.15 -6.14 -25.46
C SER B 61 -17.12 -5.46 -26.43
N PRO B 62 -17.65 -6.20 -27.44
CA PRO B 62 -18.66 -5.63 -28.33
C PRO B 62 -19.85 -5.10 -27.55
N GLY B 63 -20.23 -5.84 -26.50
CA GLY B 63 -21.29 -5.45 -25.58
C GLY B 63 -21.11 -4.04 -25.04
N SER B 64 -19.88 -3.68 -24.67
CA SER B 64 -19.54 -2.36 -24.19
C SER B 64 -20.03 -1.31 -25.20
N TYR B 65 -19.52 -1.38 -26.44
CA TYR B 65 -19.85 -0.48 -27.54
C TYR B 65 -21.36 -0.40 -27.78
N ALA B 66 -22.04 -1.55 -27.69
CA ALA B 66 -23.46 -1.61 -27.99
C ALA B 66 -24.24 -0.95 -26.85
N ALA B 67 -23.88 -1.32 -25.63
CA ALA B 67 -24.47 -0.71 -24.44
C ALA B 67 -24.40 0.82 -24.57
N ARG B 68 -23.20 1.32 -24.86
CA ARG B 68 -22.93 2.75 -24.95
C ARG B 68 -23.69 3.35 -26.15
N GLN B 69 -23.71 2.62 -27.27
CA GLN B 69 -24.49 3.03 -28.43
C GLN B 69 -25.94 3.21 -27.99
N HIS B 70 -26.46 2.18 -27.32
CA HIS B 70 -27.85 2.08 -26.91
C HIS B 70 -28.24 3.24 -25.99
N ILE B 71 -27.36 3.58 -25.05
CA ILE B 71 -27.66 4.60 -24.05
C ILE B 71 -27.84 5.93 -24.76
N MET B 72 -26.89 6.23 -25.62
CA MET B 72 -26.92 7.49 -26.35
C MET B 72 -28.16 7.52 -27.23
N GLN B 73 -28.40 6.42 -27.96
CA GLN B 73 -29.53 6.36 -28.87
C GLN B 73 -30.81 6.71 -28.12
N ARG B 74 -30.91 6.20 -26.88
CA ARG B 74 -32.10 6.41 -26.07
C ARG B 74 -32.20 7.86 -25.62
N ILE B 75 -31.07 8.43 -25.19
CA ILE B 75 -31.13 9.71 -24.52
C ILE B 75 -31.31 10.81 -25.57
N GLN B 76 -30.79 10.54 -26.77
CA GLN B 76 -30.88 11.49 -27.87
C GLN B 76 -32.28 11.45 -28.47
N ARG B 77 -33.08 10.45 -28.06
CA ARG B 77 -34.43 10.34 -28.58
C ARG B 77 -35.32 11.36 -27.88
N LEU B 78 -34.90 11.83 -26.70
CA LEU B 78 -35.77 12.63 -25.86
C LEU B 78 -35.79 14.08 -26.36
N GLN B 79 -36.69 14.89 -25.79
CA GLN B 79 -36.89 16.26 -26.22
C GLN B 79 -36.03 17.24 -25.43
N ALA B 80 -35.87 17.01 -24.12
CA ALA B 80 -35.01 17.78 -23.25
C ALA B 80 -33.59 17.86 -23.82
N ASP B 81 -32.91 18.98 -23.55
CA ASP B 81 -31.69 19.38 -24.23
C ASP B 81 -30.47 18.68 -23.62
N TRP B 82 -30.47 17.35 -23.69
CA TRP B 82 -29.38 16.57 -23.13
C TRP B 82 -28.14 16.76 -23.99
N VAL B 83 -27.00 17.00 -23.33
CA VAL B 83 -25.73 17.23 -24.00
C VAL B 83 -24.81 16.09 -23.62
N LEU B 84 -24.58 15.16 -24.53
CA LEU B 84 -23.83 13.98 -24.13
C LEU B 84 -22.33 14.19 -24.33
N GLU B 85 -21.52 13.39 -23.62
CA GLU B 85 -20.07 13.47 -23.65
C GLU B 85 -19.46 12.10 -23.32
N ILE B 86 -18.44 11.70 -24.09
CA ILE B 86 -17.75 10.44 -23.88
C ILE B 86 -16.35 10.73 -23.38
N ASP B 87 -16.21 10.60 -22.05
CA ASP B 87 -14.94 10.60 -21.35
C ASP B 87 -14.29 9.25 -21.59
N THR B 88 -13.29 9.23 -22.47
CA THR B 88 -12.69 7.98 -22.89
C THR B 88 -11.21 8.03 -22.59
N PHE B 89 -10.68 7.01 -21.93
CA PHE B 89 -9.26 7.04 -21.59
C PHE B 89 -8.68 5.63 -21.66
N LEU B 90 -7.38 5.57 -21.94
CA LEU B 90 -6.63 4.35 -21.73
C LEU B 90 -6.10 4.35 -20.31
N SER B 91 -6.05 3.14 -19.72
CA SER B 91 -5.45 2.88 -18.43
C SER B 91 -4.89 1.47 -18.44
N GLN B 92 -3.81 1.26 -17.67
CA GLN B 92 -3.25 -0.07 -17.44
C GLN B 92 -4.31 -0.91 -16.73
N THR B 93 -4.33 -2.21 -17.01
CA THR B 93 -5.19 -3.12 -16.28
C THR B 93 -4.44 -4.45 -16.09
N PRO B 94 -4.82 -5.28 -15.09
CA PRO B 94 -4.25 -6.62 -14.93
C PRO B 94 -4.16 -7.41 -16.23
N GLU B 95 -5.04 -7.13 -17.19
CA GLU B 95 -5.04 -7.83 -18.48
C GLU B 95 -4.50 -6.92 -19.59
N GLY B 96 -3.47 -6.11 -19.29
CA GLY B 96 -2.97 -5.14 -20.23
C GLY B 96 -3.89 -3.93 -20.39
N GLU B 97 -3.46 -3.00 -21.23
CA GLU B 97 -4.15 -1.74 -21.42
C GLU B 97 -5.58 -1.96 -21.89
N ARG B 98 -6.45 -1.01 -21.57
CA ARG B 98 -7.86 -1.04 -21.96
C ARG B 98 -8.37 0.39 -22.16
N SER B 99 -9.29 0.54 -23.12
CA SER B 99 -9.97 1.80 -23.37
C SER B 99 -11.26 1.85 -22.57
N PHE B 100 -11.46 2.96 -21.85
CA PHE B 100 -12.62 3.12 -20.98
C PHE B 100 -13.45 4.32 -21.43
N SER B 101 -14.78 4.19 -21.33
CA SER B 101 -15.66 5.22 -21.85
C SER B 101 -16.82 5.52 -20.90
N ASN B 102 -16.69 6.63 -20.17
CA ASN B 102 -17.74 7.14 -19.29
C ASN B 102 -18.79 7.88 -20.13
N ILE B 103 -20.07 7.56 -19.88
CA ILE B 103 -21.15 8.30 -20.51
C ILE B 103 -21.61 9.38 -19.54
N ILE B 104 -21.53 10.65 -19.97
CA ILE B 104 -22.02 11.79 -19.22
C ILE B 104 -23.10 12.47 -20.04
N SER B 105 -24.21 12.82 -19.37
CA SER B 105 -25.37 13.40 -20.01
C SER B 105 -25.84 14.58 -19.18
N THR B 106 -25.62 15.80 -19.69
CA THR B 106 -25.86 16.98 -18.88
C THR B 106 -26.94 17.89 -19.48
N LEU B 107 -27.95 18.19 -18.65
CA LEU B 107 -28.89 19.28 -18.85
C LEU B 107 -28.27 20.56 -18.28
N ASN B 108 -28.27 21.64 -19.09
CA ASN B 108 -27.77 22.96 -18.76
C ASN B 108 -26.34 22.88 -18.26
N PRO B 109 -25.34 22.61 -19.14
CA PRO B 109 -24.00 22.20 -18.70
C PRO B 109 -23.36 23.30 -17.89
N THR B 110 -23.75 24.55 -18.17
CA THR B 110 -23.06 25.71 -17.64
C THR B 110 -23.85 26.30 -16.49
N ALA B 111 -24.83 25.56 -15.96
CA ALA B 111 -25.37 25.89 -14.65
C ALA B 111 -24.29 25.58 -13.62
N LYS B 112 -24.33 26.26 -12.48
CA LYS B 112 -23.30 26.12 -11.46
C LYS B 112 -23.51 24.79 -10.72
N ARG B 113 -24.78 24.48 -10.44
CA ARG B 113 -25.13 23.37 -9.56
C ARG B 113 -25.82 22.27 -10.35
N HIS B 114 -25.53 21.03 -9.97
CA HIS B 114 -26.11 19.85 -10.58
C HIS B 114 -26.45 18.79 -9.55
N LEU B 115 -27.68 18.28 -9.66
CA LEU B 115 -28.03 16.99 -9.09
C LEU B 115 -27.56 15.90 -10.05
N VAL B 116 -26.89 14.87 -9.51
CA VAL B 116 -26.21 13.89 -10.35
C VAL B 116 -26.69 12.48 -9.99
N LEU B 117 -27.26 11.78 -10.99
CA LEU B 117 -27.62 10.37 -10.86
C LEU B 117 -26.58 9.53 -11.58
N ALA B 118 -26.18 8.40 -10.98
CA ALA B 118 -25.10 7.64 -11.58
C ALA B 118 -25.23 6.15 -11.29
N CYS B 119 -24.65 5.36 -12.20
CA CYS B 119 -24.50 3.92 -12.09
C CYS B 119 -23.29 3.49 -12.93
N HIS B 120 -23.07 2.17 -13.01
CA HIS B 120 -22.06 1.63 -13.91
C HIS B 120 -22.75 0.80 -14.98
N TYR B 121 -22.32 0.99 -16.23
CA TYR B 121 -22.92 0.26 -17.34
C TYR B 121 -22.05 -0.92 -17.72
N ASP B 122 -20.80 -0.97 -17.23
CA ASP B 122 -19.97 -2.16 -17.43
C ASP B 122 -20.59 -3.33 -16.68
N SER B 123 -20.19 -4.54 -17.06
CA SER B 123 -20.51 -5.73 -16.28
C SER B 123 -19.20 -6.40 -15.88
N LYS B 124 -19.24 -7.17 -14.79
CA LYS B 124 -18.07 -7.91 -14.36
C LYS B 124 -17.79 -9.01 -15.38
N TYR B 125 -16.50 -9.40 -15.50
CA TYR B 125 -16.04 -10.45 -16.39
C TYR B 125 -16.08 -11.79 -15.67
N PHE B 126 -16.60 -12.81 -16.37
CA PHE B 126 -16.51 -14.20 -15.97
C PHE B 126 -16.40 -15.05 -17.23
N SER B 127 -15.77 -16.22 -17.10
CA SER B 127 -15.70 -17.20 -18.18
C SER B 127 -17.09 -17.78 -18.41
N HIS B 128 -17.17 -18.66 -19.42
CA HIS B 128 -18.45 -19.25 -19.81
C HIS B 128 -18.67 -20.57 -19.07
N TRP B 129 -18.93 -20.49 -17.76
CA TRP B 129 -19.10 -21.63 -16.88
C TRP B 129 -20.51 -22.21 -17.00
N ASN B 130 -20.61 -23.31 -17.79
CA ASN B 130 -21.83 -23.98 -18.22
C ASN B 130 -22.49 -23.27 -19.41
N ASN B 131 -21.62 -22.63 -20.23
CA ASN B 131 -21.92 -21.73 -21.34
C ASN B 131 -22.96 -20.66 -20.96
N ARG B 132 -23.00 -20.34 -19.66
CA ARG B 132 -23.72 -19.18 -19.13
C ARG B 132 -22.85 -17.95 -19.38
N VAL B 133 -23.40 -16.78 -19.02
CA VAL B 133 -22.78 -15.49 -19.31
C VAL B 133 -23.26 -14.52 -18.25
N PHE B 134 -22.34 -13.72 -17.70
CA PHE B 134 -22.72 -12.73 -16.71
C PHE B 134 -23.25 -11.49 -17.40
N VAL B 135 -24.48 -11.12 -17.03
CA VAL B 135 -25.15 -9.97 -17.62
C VAL B 135 -25.35 -8.89 -16.55
N GLY B 136 -25.21 -9.28 -15.27
CA GLY B 136 -25.39 -8.37 -14.15
C GLY B 136 -26.66 -7.52 -14.29
N ALA B 137 -27.81 -8.18 -14.10
CA ALA B 137 -29.10 -7.52 -14.28
C ALA B 137 -29.23 -6.41 -13.26
N THR B 138 -28.93 -6.77 -12.00
CA THR B 138 -28.98 -5.84 -10.89
C THR B 138 -27.69 -5.03 -10.83
N ASP B 139 -26.62 -5.54 -11.46
CA ASP B 139 -25.27 -5.06 -11.23
C ASP B 139 -24.60 -4.76 -12.58
N SER B 140 -25.06 -3.71 -13.27
CA SER B 140 -26.06 -2.77 -12.80
C SER B 140 -26.96 -2.34 -13.97
N ALA B 141 -27.45 -3.32 -14.73
CA ALA B 141 -28.26 -3.07 -15.92
C ALA B 141 -29.61 -2.45 -15.55
N VAL B 142 -30.14 -2.76 -14.37
CA VAL B 142 -31.40 -2.18 -13.92
C VAL B 142 -31.18 -0.70 -13.63
N PRO B 143 -30.28 -0.36 -12.67
CA PRO B 143 -29.89 1.03 -12.44
C PRO B 143 -29.81 1.85 -13.73
N CYS B 144 -29.14 1.28 -14.75
CA CYS B 144 -29.02 1.92 -16.06
C CYS B 144 -30.40 2.24 -16.62
N ALA B 145 -31.20 1.19 -16.87
CA ALA B 145 -32.54 1.35 -17.40
C ALA B 145 -33.30 2.38 -16.58
N MET B 146 -33.24 2.24 -15.25
CA MET B 146 -34.01 3.06 -14.32
C MET B 146 -33.82 4.55 -14.57
N MET B 147 -32.60 4.92 -14.96
CA MET B 147 -32.23 6.32 -15.15
C MET B 147 -32.84 6.81 -16.46
N LEU B 148 -32.68 5.97 -17.49
CA LEU B 148 -33.26 6.15 -18.80
C LEU B 148 -34.78 6.26 -18.70
N GLU B 149 -35.42 5.50 -17.78
CA GLU B 149 -36.85 5.59 -17.61
C GLU B 149 -37.23 6.93 -16.98
N LEU B 150 -36.40 7.40 -16.04
CA LEU B 150 -36.56 8.72 -15.44
C LEU B 150 -36.48 9.79 -16.53
N ALA B 151 -35.34 9.80 -17.22
CA ALA B 151 -35.12 10.71 -18.33
C ALA B 151 -36.34 10.76 -19.24
N ARG B 152 -36.98 9.59 -19.47
CA ARG B 152 -38.14 9.46 -20.34
C ARG B 152 -39.40 9.91 -19.61
N ALA B 153 -39.72 9.22 -18.51
CA ALA B 153 -40.93 9.53 -17.78
C ALA B 153 -41.01 11.04 -17.47
N LEU B 154 -39.86 11.71 -17.37
CA LEU B 154 -39.82 13.06 -16.81
C LEU B 154 -39.61 14.10 -17.91
N ASP B 155 -39.45 13.63 -19.14
CA ASP B 155 -38.92 14.42 -20.24
C ASP B 155 -39.59 15.78 -20.31
N LYS B 156 -40.93 15.78 -20.29
CA LYS B 156 -41.76 16.95 -20.52
C LYS B 156 -41.45 18.03 -19.47
N LYS B 157 -41.08 17.58 -18.26
CA LYS B 157 -40.82 18.44 -17.13
C LYS B 157 -39.39 18.97 -17.21
N LEU B 158 -38.45 18.07 -17.56
CA LEU B 158 -37.04 18.43 -17.71
C LEU B 158 -36.90 19.44 -18.85
N LEU B 159 -37.99 19.61 -19.59
CA LEU B 159 -37.96 20.50 -20.73
C LEU B 159 -38.03 21.95 -20.23
N SER B 160 -38.81 22.17 -19.16
CA SER B 160 -39.03 23.50 -18.62
C SER B 160 -37.73 24.16 -18.17
N LEU B 161 -36.67 23.34 -18.07
CA LEU B 161 -35.37 23.76 -17.59
C LEU B 161 -34.60 24.52 -18.67
N LYS B 162 -35.11 24.47 -19.91
CA LYS B 162 -34.44 25.11 -21.02
C LYS B 162 -34.52 26.64 -20.85
N THR B 163 -35.17 27.09 -19.77
CA THR B 163 -35.31 28.49 -19.41
C THR B 163 -33.99 29.04 -18.86
N SER B 167 -35.74 33.77 -10.67
CA SER B 167 -36.97 33.08 -10.16
C SER B 167 -36.71 31.58 -9.99
N LYS B 168 -35.43 31.19 -9.80
CA LYS B 168 -35.01 29.82 -9.56
C LYS B 168 -33.54 29.79 -9.11
N PRO B 169 -33.03 28.67 -8.54
CA PRO B 169 -31.58 28.44 -8.44
C PRO B 169 -30.91 28.04 -9.76
N ASP B 170 -29.60 28.29 -9.85
CA ASP B 170 -28.82 27.95 -11.03
C ASP B 170 -28.41 26.48 -10.94
N LEU B 171 -29.44 25.62 -11.04
CA LEU B 171 -29.33 24.21 -10.71
C LEU B 171 -30.01 23.40 -11.80
N SER B 172 -29.35 22.33 -12.22
CA SER B 172 -29.99 21.42 -13.15
C SER B 172 -29.69 19.97 -12.76
N LEU B 173 -29.69 19.10 -13.79
CA LEU B 173 -29.60 17.66 -13.65
C LEU B 173 -28.51 17.10 -14.56
N GLN B 174 -27.94 15.95 -14.16
CA GLN B 174 -26.87 15.29 -14.87
C GLN B 174 -26.92 13.80 -14.59
N LEU B 175 -26.67 12.98 -15.62
CA LEU B 175 -26.54 11.54 -15.46
C LEU B 175 -25.12 11.12 -15.83
N ILE B 176 -24.55 10.17 -15.06
CA ILE B 176 -23.25 9.61 -15.40
C ILE B 176 -23.38 8.10 -15.43
N PHE B 177 -22.91 7.50 -16.54
CA PHE B 177 -22.84 6.05 -16.71
C PHE B 177 -21.36 5.62 -16.73
N PHE B 178 -20.88 5.10 -15.59
CA PHE B 178 -19.47 4.91 -15.35
C PHE B 178 -19.01 3.63 -16.03
N ASP B 179 -17.89 3.72 -16.74
CA ASP B 179 -17.32 2.51 -17.30
C ASP B 179 -16.38 1.90 -16.26
N GLY B 180 -16.07 0.62 -16.43
CA GLY B 180 -14.98 -0.03 -15.71
C GLY B 180 -15.05 0.12 -14.19
N GLU B 181 -16.27 0.11 -13.63
CA GLU B 181 -16.48 0.05 -12.19
C GLU B 181 -15.91 -1.26 -11.65
N GLU B 182 -16.16 -2.36 -12.39
CA GLU B 182 -15.86 -3.72 -11.97
C GLU B 182 -14.35 -3.96 -11.99
N ALA B 183 -13.91 -4.81 -11.05
CA ALA B 183 -12.55 -5.33 -10.97
C ALA B 183 -12.34 -6.37 -12.05
N PHE B 184 -11.16 -6.37 -12.66
CA PHE B 184 -10.84 -7.39 -13.65
C PHE B 184 -10.49 -8.68 -12.94
N LEU B 185 -9.63 -8.58 -11.92
CA LEU B 185 -9.02 -9.74 -11.29
C LEU B 185 -9.42 -9.82 -9.82
N HIS B 186 -8.59 -9.22 -8.96
CA HIS B 186 -8.90 -9.06 -7.55
C HIS B 186 -9.17 -7.58 -7.28
N TRP B 187 -10.31 -7.28 -6.66
CA TRP B 187 -10.65 -5.91 -6.30
C TRP B 187 -9.55 -5.31 -5.44
N SER B 188 -8.82 -4.35 -6.02
CA SER B 188 -7.82 -3.56 -5.32
C SER B 188 -8.01 -2.10 -5.70
N PRO B 189 -7.31 -1.15 -5.06
CA PRO B 189 -7.44 0.27 -5.41
C PRO B 189 -7.13 0.50 -6.89
N GLN B 190 -6.20 -0.31 -7.42
CA GLN B 190 -5.67 -0.10 -8.76
C GLN B 190 -6.54 -0.85 -9.77
N ASP B 191 -7.25 -1.87 -9.29
CA ASP B 191 -8.07 -2.69 -10.17
C ASP B 191 -9.56 -2.62 -9.84
N SER B 192 -10.17 -1.47 -10.12
CA SER B 192 -11.58 -1.23 -9.88
C SER B 192 -11.81 0.26 -10.15
N LEU B 193 -13.10 0.65 -10.21
CA LEU B 193 -13.49 2.05 -10.29
C LEU B 193 -12.60 2.83 -11.27
N TYR B 194 -12.28 2.21 -12.41
CA TYR B 194 -11.42 2.81 -13.40
C TYR B 194 -12.09 4.09 -13.91
N GLY B 195 -13.35 3.94 -14.31
CA GLY B 195 -14.13 5.03 -14.85
C GLY B 195 -14.29 6.16 -13.83
N SER B 196 -14.77 5.81 -12.63
CA SER B 196 -15.01 6.84 -11.63
C SER B 196 -13.71 7.52 -11.21
N ARG B 197 -12.66 6.73 -10.99
CA ARG B 197 -11.41 7.29 -10.47
C ARG B 197 -10.85 8.33 -11.41
N HIS B 198 -11.02 8.12 -12.72
CA HIS B 198 -10.50 9.02 -13.74
C HIS B 198 -11.37 10.28 -13.89
N LEU B 199 -12.70 10.11 -13.93
CA LEU B 199 -13.58 11.25 -14.14
C LEU B 199 -13.58 12.16 -12.92
N ALA B 200 -13.48 11.58 -11.72
CA ALA B 200 -13.40 12.37 -10.50
C ALA B 200 -12.21 13.33 -10.60
N ALA B 201 -11.05 12.78 -10.99
CA ALA B 201 -9.81 13.52 -11.10
C ALA B 201 -9.94 14.63 -12.13
N LYS B 202 -10.52 14.29 -13.30
CA LYS B 202 -10.78 15.24 -14.37
C LYS B 202 -11.67 16.38 -13.86
N MET B 203 -12.78 16.03 -13.20
CA MET B 203 -13.74 17.03 -12.70
C MET B 203 -13.13 17.85 -11.55
N ALA B 204 -12.25 17.23 -10.74
CA ALA B 204 -11.65 17.91 -9.61
C ALA B 204 -10.78 19.08 -10.08
N SER B 205 -10.21 18.96 -11.28
CA SER B 205 -9.31 19.99 -11.78
C SER B 205 -9.93 20.85 -12.88
N THR B 206 -11.16 20.53 -13.30
CA THR B 206 -11.79 21.35 -14.32
C THR B 206 -12.50 22.53 -13.66
N PRO B 207 -12.15 23.79 -14.01
CA PRO B 207 -12.83 24.97 -13.46
C PRO B 207 -14.31 24.93 -13.83
N HIS B 208 -15.15 25.41 -12.91
CA HIS B 208 -16.58 25.55 -13.09
C HIS B 208 -17.12 26.64 -12.17
N PRO B 209 -17.89 27.62 -12.70
CA PRO B 209 -18.24 27.71 -14.12
C PRO B 209 -17.01 28.16 -14.92
N PRO B 210 -17.01 28.01 -16.26
CA PRO B 210 -15.83 28.38 -17.05
C PRO B 210 -15.28 29.76 -16.69
N GLY B 211 -13.96 29.82 -16.47
CA GLY B 211 -13.27 31.07 -16.24
C GLY B 211 -13.35 31.56 -14.79
N ALA B 212 -13.87 30.72 -13.89
CA ALA B 212 -13.96 31.07 -12.48
C ALA B 212 -12.62 30.85 -11.78
N ARG B 213 -12.52 31.31 -10.53
CA ARG B 213 -11.35 31.09 -9.69
C ARG B 213 -11.70 30.13 -8.54
N GLY B 214 -10.85 29.13 -8.30
CA GLY B 214 -11.00 28.32 -7.11
C GLY B 214 -12.01 27.19 -7.28
N THR B 215 -13.25 27.52 -7.72
CA THR B 215 -14.30 26.52 -7.81
C THR B 215 -14.07 25.58 -9.00
N SER B 216 -14.27 24.29 -8.70
CA SER B 216 -14.07 23.17 -9.62
C SER B 216 -15.43 22.61 -10.04
N GLN B 217 -15.38 21.57 -10.89
CA GLN B 217 -16.59 20.94 -11.39
C GLN B 217 -17.24 20.15 -10.27
N LEU B 218 -16.40 19.61 -9.37
CA LEU B 218 -16.90 18.88 -8.23
C LEU B 218 -17.70 19.80 -7.32
N HIS B 219 -17.30 21.07 -7.31
CA HIS B 219 -17.97 22.08 -6.47
C HIS B 219 -19.43 22.23 -6.87
N GLY B 220 -19.75 21.72 -8.06
CA GLY B 220 -21.06 21.91 -8.67
C GLY B 220 -21.97 20.70 -8.47
N MET B 221 -21.41 19.61 -7.97
CA MET B 221 -22.19 18.43 -7.62
C MET B 221 -22.83 18.60 -6.25
N ASP B 222 -24.09 19.06 -6.28
CA ASP B 222 -24.94 19.19 -5.09
C ASP B 222 -24.95 17.85 -4.36
N LEU B 223 -25.32 16.78 -5.07
CA LEU B 223 -25.52 15.47 -4.46
C LEU B 223 -25.31 14.38 -5.52
N LEU B 224 -24.53 13.36 -5.18
CA LEU B 224 -24.39 12.17 -6.02
C LEU B 224 -25.40 11.12 -5.55
N VAL B 225 -26.36 10.78 -6.42
CA VAL B 225 -27.20 9.61 -6.18
C VAL B 225 -26.71 8.46 -7.05
N LEU B 226 -26.06 7.47 -6.42
CA LEU B 226 -25.41 6.39 -7.16
C LEU B 226 -26.15 5.08 -6.93
N LEU B 227 -26.83 4.62 -8.00
CA LEU B 227 -27.59 3.39 -8.02
C LEU B 227 -26.66 2.22 -8.27
N ASP B 228 -26.83 1.15 -7.48
CA ASP B 228 -26.06 -0.07 -7.68
C ASP B 228 -26.75 -1.23 -6.99
N LEU B 229 -26.81 -2.39 -7.66
CA LEU B 229 -27.28 -3.65 -7.09
C LEU B 229 -28.78 -3.56 -6.83
N ILE B 230 -29.50 -2.89 -7.74
CA ILE B 230 -30.95 -2.69 -7.57
C ILE B 230 -31.58 -3.75 -8.49
N GLY B 231 -32.58 -4.47 -7.98
CA GLY B 231 -33.27 -5.42 -8.83
C GLY B 231 -33.88 -6.60 -8.08
N ALA B 232 -33.37 -6.86 -6.88
CA ALA B 232 -33.80 -8.00 -6.06
C ALA B 232 -35.15 -7.70 -5.42
N PRO B 233 -35.88 -8.75 -4.98
CA PRO B 233 -37.08 -8.56 -4.18
C PRO B 233 -36.65 -8.04 -2.82
N ASN B 234 -37.52 -7.28 -2.17
CA ASN B 234 -37.29 -6.70 -0.83
C ASN B 234 -35.82 -6.33 -0.63
N PRO B 235 -35.29 -5.29 -1.31
CA PRO B 235 -33.98 -4.75 -0.95
C PRO B 235 -34.15 -3.96 0.34
N THR B 236 -33.03 -3.78 1.04
CA THR B 236 -33.00 -2.88 2.19
C THR B 236 -31.82 -1.93 2.00
N PHE B 237 -32.11 -0.63 1.98
CA PHE B 237 -31.08 0.39 1.87
C PHE B 237 -30.87 1.00 3.25
N PRO B 238 -29.61 1.07 3.73
CA PRO B 238 -29.27 1.82 4.93
C PRO B 238 -29.16 3.31 4.61
N ASN B 239 -29.25 4.15 5.64
CA ASN B 239 -28.71 5.50 5.52
C ASN B 239 -27.22 5.41 5.87
N PHE B 240 -26.36 5.79 4.93
CA PHE B 240 -24.94 5.57 5.07
C PHE B 240 -24.23 6.82 5.60
N PHE B 241 -24.82 8.01 5.41
CA PHE B 241 -24.03 9.24 5.55
C PHE B 241 -24.82 10.34 6.25
N PRO B 242 -24.28 10.95 7.33
CA PRO B 242 -24.91 12.09 7.99
C PRO B 242 -25.08 13.31 7.07
N ASN B 243 -24.04 13.62 6.30
CA ASN B 243 -24.06 14.78 5.41
C ASN B 243 -25.26 14.73 4.46
N SER B 244 -25.83 13.55 4.22
CA SER B 244 -26.84 13.37 3.18
C SER B 244 -28.14 12.79 3.75
N ALA B 245 -28.21 12.67 5.09
CA ALA B 245 -29.25 11.90 5.73
C ALA B 245 -30.61 12.58 5.60
N ARG B 246 -30.60 13.91 5.43
CA ARG B 246 -31.84 14.65 5.21
C ARG B 246 -32.46 14.29 3.86
N TRP B 247 -31.59 13.96 2.90
CA TRP B 247 -32.05 13.50 1.60
C TRP B 247 -32.43 12.01 1.66
N PHE B 248 -31.84 11.26 2.61
CA PHE B 248 -32.30 9.90 2.85
C PHE B 248 -33.74 9.93 3.38
N GLU B 249 -34.01 10.82 4.34
CA GLU B 249 -35.32 10.90 4.98
C GLU B 249 -36.40 11.37 4.01
N ARG B 250 -36.00 12.13 2.99
CA ARG B 250 -36.94 12.46 1.94
C ARG B 250 -37.37 11.19 1.23
N LEU B 251 -36.42 10.28 0.97
CA LEU B 251 -36.72 9.08 0.21
C LEU B 251 -37.72 8.21 0.98
N GLN B 252 -37.56 8.17 2.30
CA GLN B 252 -38.45 7.42 3.19
C GLN B 252 -39.81 8.11 3.23
N ALA B 253 -39.79 9.44 3.27
CA ALA B 253 -40.99 10.24 3.32
C ALA B 253 -41.83 9.99 2.07
N ILE B 254 -41.18 10.08 0.90
CA ILE B 254 -41.80 9.87 -0.40
C ILE B 254 -42.37 8.45 -0.50
N GLU B 255 -41.55 7.47 -0.13
CA GLU B 255 -41.96 6.07 -0.05
C GLU B 255 -43.21 5.93 0.79
N HIS B 256 -43.26 6.56 1.97
CA HIS B 256 -44.44 6.46 2.80
C HIS B 256 -45.66 7.10 2.13
N GLU B 257 -45.47 8.32 1.59
CA GLU B 257 -46.50 9.06 0.88
C GLU B 257 -47.15 8.17 -0.16
N LEU B 258 -46.33 7.52 -1.01
CA LEU B 258 -46.81 6.78 -2.18
C LEU B 258 -47.59 5.54 -1.76
N HIS B 259 -47.02 4.77 -0.82
CA HIS B 259 -47.70 3.61 -0.24
C HIS B 259 -49.08 4.04 0.23
N GLU B 260 -49.11 5.09 1.07
CA GLU B 260 -50.33 5.62 1.63
C GLU B 260 -51.33 5.92 0.52
N LEU B 261 -50.84 6.42 -0.62
CA LEU B 261 -51.73 6.80 -1.69
C LEU B 261 -52.11 5.57 -2.52
N GLY B 262 -51.53 4.42 -2.17
CA GLY B 262 -51.80 3.17 -2.89
C GLY B 262 -51.20 3.16 -4.29
N LEU B 263 -50.03 3.79 -4.44
CA LEU B 263 -49.44 3.98 -5.75
C LEU B 263 -48.29 2.98 -5.96
N LEU B 264 -47.98 2.20 -4.92
CA LEU B 264 -46.97 1.17 -5.05
C LEU B 264 -47.65 -0.18 -5.11
N LYS B 265 -47.08 -1.09 -5.91
CA LYS B 265 -47.58 -2.44 -6.04
C LYS B 265 -46.71 -3.37 -5.19
N ASP B 266 -47.35 -4.33 -4.50
CA ASP B 266 -46.69 -5.41 -3.79
C ASP B 266 -45.75 -4.84 -2.73
N HIS B 267 -46.31 -4.03 -1.84
CA HIS B 267 -45.46 -3.28 -0.93
C HIS B 267 -46.15 -3.20 0.43
N SER B 268 -45.46 -3.70 1.44
CA SER B 268 -45.92 -3.44 2.80
C SER B 268 -44.90 -2.55 3.49
N LEU B 269 -45.35 -1.96 4.61
CA LEU B 269 -44.54 -1.02 5.34
C LEU B 269 -43.51 -1.73 6.21
N GLU B 270 -43.83 -2.96 6.64
CA GLU B 270 -42.84 -3.75 7.36
C GLU B 270 -41.65 -4.00 6.42
N GLY B 271 -41.97 -4.21 5.14
CA GLY B 271 -40.94 -4.46 4.14
C GLY B 271 -40.60 -3.22 3.33
N ARG B 272 -40.57 -2.05 3.99
CA ARG B 272 -40.18 -0.80 3.33
C ARG B 272 -38.70 -0.84 2.96
N TYR B 273 -38.32 -0.08 1.93
CA TYR B 273 -37.01 -0.17 1.32
C TYR B 273 -35.97 0.66 2.08
N PHE B 274 -36.44 1.76 2.68
CA PHE B 274 -35.55 2.69 3.34
C PHE B 274 -35.78 2.68 4.85
N GLN B 275 -34.77 2.16 5.58
CA GLN B 275 -34.83 1.97 7.03
C GLN B 275 -33.94 2.99 7.72
N ASN B 276 -34.35 3.40 8.92
CA ASN B 276 -33.76 4.49 9.67
C ASN B 276 -32.28 4.22 9.99
N TYR B 277 -31.94 2.93 10.15
CA TYR B 277 -30.63 2.51 10.62
C TYR B 277 -29.54 2.70 9.57
N SER B 278 -28.29 2.38 9.96
CA SER B 278 -27.13 2.62 9.10
C SER B 278 -26.34 1.34 8.88
N TYR B 279 -25.15 1.48 8.28
CA TYR B 279 -24.29 0.35 7.92
C TYR B 279 -23.01 0.42 8.73
N GLY B 280 -22.48 -0.76 9.12
CA GLY B 280 -21.22 -0.82 9.83
C GLY B 280 -20.10 -1.26 8.91
N GLY B 281 -19.43 -0.29 8.28
CA GLY B 281 -18.37 -0.62 7.32
C GLY B 281 -18.30 0.42 6.23
N VAL B 282 -17.47 0.16 5.21
CA VAL B 282 -17.28 1.09 4.10
C VAL B 282 -17.50 0.36 2.78
N ILE B 283 -18.65 0.56 2.14
CA ILE B 283 -18.93 -0.08 0.84
C ILE B 283 -18.20 0.71 -0.25
N GLN B 284 -17.40 0.00 -1.04
CA GLN B 284 -16.62 0.60 -2.11
C GLN B 284 -17.45 0.60 -3.39
N ASP B 285 -17.43 1.74 -4.10
CA ASP B 285 -18.18 1.92 -5.33
C ASP B 285 -17.66 3.17 -6.02
N ASP B 286 -18.35 3.59 -7.10
CA ASP B 286 -17.89 4.67 -7.97
C ASP B 286 -17.97 6.02 -7.26
N HIS B 287 -18.68 6.09 -6.12
CA HIS B 287 -18.84 7.31 -5.34
C HIS B 287 -17.55 7.70 -4.62
N ILE B 288 -16.70 6.70 -4.32
CA ILE B 288 -15.55 6.87 -3.44
C ILE B 288 -14.66 7.99 -3.97
N PRO B 289 -14.26 7.98 -5.26
CA PRO B 289 -13.31 8.98 -5.73
C PRO B 289 -13.82 10.40 -5.54
N PHE B 290 -15.12 10.52 -5.26
CA PHE B 290 -15.84 11.77 -5.25
C PHE B 290 -16.13 12.22 -3.81
N LEU B 291 -16.58 11.26 -2.99
CA LEU B 291 -16.84 11.50 -1.59
C LEU B 291 -15.54 11.92 -0.90
N ARG B 292 -14.43 11.32 -1.33
CA ARG B 292 -13.13 11.57 -0.72
C ARG B 292 -12.61 12.95 -1.13
N ARG B 293 -13.28 13.57 -2.10
CA ARG B 293 -13.07 14.98 -2.39
C ARG B 293 -14.22 15.80 -1.80
N GLY B 294 -15.05 15.15 -0.99
CA GLY B 294 -16.11 15.78 -0.22
C GLY B 294 -17.32 16.17 -1.08
N VAL B 295 -17.70 15.29 -2.01
CA VAL B 295 -19.00 15.44 -2.65
C VAL B 295 -20.00 14.74 -1.75
N PRO B 296 -21.16 15.36 -1.41
CA PRO B 296 -22.21 14.65 -0.68
C PRO B 296 -22.75 13.53 -1.58
N VAL B 297 -22.91 12.33 -1.01
CA VAL B 297 -23.25 11.12 -1.75
C VAL B 297 -24.47 10.49 -1.09
N LEU B 298 -25.32 9.87 -1.92
CA LEU B 298 -26.50 9.16 -1.45
C LEU B 298 -26.47 7.79 -2.10
N HIS B 299 -25.88 6.82 -1.41
CA HIS B 299 -25.57 5.51 -1.98
C HIS B 299 -26.79 4.59 -1.95
N LEU B 300 -27.51 4.53 -3.09
CA LEU B 300 -28.63 3.63 -3.22
C LEU B 300 -28.13 2.24 -3.64
N ILE B 301 -27.39 1.61 -2.72
CA ILE B 301 -26.96 0.22 -2.78
C ILE B 301 -27.57 -0.51 -1.59
N PRO B 302 -28.20 -1.69 -1.78
CA PRO B 302 -28.77 -2.42 -0.66
C PRO B 302 -27.77 -3.24 0.16
N SER B 303 -28.19 -3.50 1.39
CA SER B 303 -27.47 -4.28 2.39
C SER B 303 -28.51 -5.20 3.02
N PRO B 304 -28.44 -6.54 2.83
CA PRO B 304 -27.40 -7.18 2.02
C PRO B 304 -27.54 -6.89 0.52
N PHE B 305 -26.49 -7.25 -0.22
CA PHE B 305 -26.60 -7.33 -1.67
C PHE B 305 -27.61 -8.42 -1.99
N PRO B 306 -28.15 -8.46 -3.23
CA PRO B 306 -29.05 -9.53 -3.64
C PRO B 306 -28.36 -10.89 -3.59
N GLU B 307 -29.14 -11.95 -3.34
CA GLU B 307 -28.62 -13.30 -3.34
C GLU B 307 -27.70 -13.51 -4.54
N VAL B 308 -28.22 -13.17 -5.73
CA VAL B 308 -27.66 -13.56 -7.03
C VAL B 308 -26.34 -12.85 -7.31
N TRP B 309 -25.81 -12.10 -6.32
CA TRP B 309 -24.67 -11.22 -6.46
C TRP B 309 -23.43 -11.93 -7.02
N HIS B 310 -23.00 -11.50 -8.22
CA HIS B 310 -21.79 -11.98 -8.86
C HIS B 310 -21.89 -13.48 -9.13
N THR B 311 -23.13 -13.94 -9.30
CA THR B 311 -23.50 -15.29 -9.68
C THR B 311 -24.19 -15.19 -11.04
N MET B 312 -24.14 -16.30 -11.79
CA MET B 312 -24.72 -16.38 -13.12
C MET B 312 -26.22 -16.09 -13.06
N ASP B 313 -26.78 -16.13 -11.84
CA ASP B 313 -28.21 -16.01 -11.67
C ASP B 313 -28.64 -14.54 -11.65
N ASP B 314 -27.68 -13.63 -11.55
CA ASP B 314 -27.98 -12.22 -11.75
C ASP B 314 -28.40 -12.04 -13.20
N ASN B 315 -29.71 -12.09 -13.41
CA ASN B 315 -30.31 -12.10 -14.72
C ASN B 315 -31.77 -11.75 -14.58
N GLU B 316 -32.46 -11.74 -15.72
CA GLU B 316 -33.78 -11.15 -15.81
C GLU B 316 -34.82 -12.07 -15.18
N GLU B 317 -34.48 -13.35 -15.18
CA GLU B 317 -35.33 -14.40 -14.65
C GLU B 317 -35.51 -14.13 -13.15
N ASN B 318 -34.85 -13.08 -12.63
CA ASN B 318 -34.65 -12.98 -11.19
C ASN B 318 -35.00 -11.61 -10.62
N LEU B 319 -34.95 -10.58 -11.46
CA LEU B 319 -35.40 -9.26 -11.07
C LEU B 319 -36.85 -9.31 -10.62
N ASP B 320 -37.21 -8.48 -9.65
CA ASP B 320 -38.60 -8.33 -9.25
C ASP B 320 -39.16 -7.04 -9.86
N GLU B 321 -39.97 -7.19 -10.91
CA GLU B 321 -40.55 -6.07 -11.61
C GLU B 321 -41.12 -5.05 -10.63
N SER B 322 -42.02 -5.51 -9.75
CA SER B 322 -42.77 -4.68 -8.82
C SER B 322 -41.88 -3.70 -8.08
N THR B 323 -40.80 -4.23 -7.48
CA THR B 323 -39.84 -3.45 -6.72
C THR B 323 -39.29 -2.30 -7.57
N ILE B 324 -38.95 -2.61 -8.83
CA ILE B 324 -38.26 -1.68 -9.71
C ILE B 324 -39.22 -0.53 -10.09
N ASP B 325 -40.45 -0.89 -10.47
CA ASP B 325 -41.53 0.03 -10.78
C ASP B 325 -41.82 0.95 -9.60
N ASN B 326 -41.54 0.44 -8.38
CA ASN B 326 -41.79 1.16 -7.15
C ASN B 326 -40.71 2.21 -6.91
N LEU B 327 -39.45 1.81 -7.11
CA LEU B 327 -38.29 2.67 -6.94
C LEU B 327 -38.24 3.68 -8.08
N ASN B 328 -38.88 3.32 -9.19
CA ASN B 328 -39.06 4.26 -10.29
C ASN B 328 -39.78 5.50 -9.76
N LYS B 329 -40.98 5.31 -9.22
CA LYS B 329 -41.79 6.40 -8.68
C LYS B 329 -41.03 7.12 -7.57
N ILE B 330 -40.48 6.36 -6.61
CA ILE B 330 -39.80 6.95 -5.47
C ILE B 330 -38.63 7.82 -5.93
N LEU B 331 -37.85 7.33 -6.91
CA LEU B 331 -36.74 8.14 -7.40
C LEU B 331 -37.27 9.39 -8.10
N GLN B 332 -38.23 9.18 -9.01
CA GLN B 332 -38.71 10.23 -9.93
C GLN B 332 -39.30 11.38 -9.11
N VAL B 333 -40.09 11.06 -8.09
CA VAL B 333 -40.59 12.08 -7.20
C VAL B 333 -39.39 12.80 -6.57
N PHE B 334 -38.40 12.02 -6.11
CA PHE B 334 -37.25 12.58 -5.40
C PHE B 334 -36.54 13.63 -6.24
N VAL B 335 -36.36 13.31 -7.53
CA VAL B 335 -35.63 14.19 -8.44
C VAL B 335 -36.47 15.44 -8.69
N LEU B 336 -37.78 15.25 -8.84
CA LEU B 336 -38.69 16.35 -9.17
C LEU B 336 -38.67 17.40 -8.07
N GLU B 337 -38.81 16.90 -6.82
CA GLU B 337 -38.86 17.75 -5.64
C GLU B 337 -37.50 18.41 -5.43
N TYR B 338 -36.42 17.71 -5.80
CA TYR B 338 -35.09 18.28 -5.71
C TYR B 338 -34.93 19.44 -6.68
N LEU B 339 -35.32 19.23 -7.94
CA LEU B 339 -35.17 20.26 -8.97
C LEU B 339 -36.29 21.29 -8.89
N HIS B 340 -37.30 21.05 -8.05
CA HIS B 340 -38.45 21.94 -7.92
C HIS B 340 -39.24 21.97 -9.24
N LEU B 341 -39.73 20.80 -9.66
CA LEU B 341 -40.49 20.73 -10.88
C LEU B 341 -41.82 20.01 -10.58
N SER C 14 7.72 -10.77 -15.04
CA SER C 14 6.68 -11.36 -14.14
C SER C 14 6.97 -11.00 -12.68
N ALA C 15 8.21 -11.27 -12.23
CA ALA C 15 8.58 -11.06 -10.84
C ALA C 15 9.51 -9.86 -10.68
N TRP C 16 9.83 -9.19 -11.79
CA TRP C 16 10.82 -8.12 -11.78
C TRP C 16 10.42 -7.02 -10.81
N PRO C 17 9.12 -6.74 -10.58
CA PRO C 17 8.70 -5.70 -9.63
C PRO C 17 9.13 -5.87 -8.18
N GLU C 18 9.78 -7.01 -7.86
CA GLU C 18 10.31 -7.29 -6.53
C GLU C 18 11.83 -7.12 -6.49
N GLU C 19 12.43 -6.92 -7.67
CA GLU C 19 13.88 -6.83 -7.80
C GLU C 19 14.39 -5.77 -6.82
N LYS C 20 13.58 -4.71 -6.63
CA LYS C 20 13.95 -3.57 -5.82
C LYS C 20 14.17 -4.00 -4.37
N ASN C 21 13.31 -4.88 -3.88
CA ASN C 21 13.31 -5.36 -2.50
C ASN C 21 14.57 -6.15 -2.16
N TYR C 22 15.23 -6.69 -3.20
CA TYR C 22 16.40 -7.53 -3.01
C TYR C 22 17.66 -6.77 -3.36
N HIS C 23 17.48 -5.68 -4.13
CA HIS C 23 18.56 -4.95 -4.77
C HIS C 23 19.62 -4.60 -3.75
N GLN C 24 20.89 -4.92 -4.08
CA GLN C 24 21.98 -4.62 -3.16
C GLN C 24 22.84 -3.48 -3.71
N PRO C 25 23.48 -2.68 -2.83
CA PRO C 25 24.43 -1.65 -3.26
C PRO C 25 25.78 -2.29 -3.63
N ALA C 26 26.39 -1.78 -4.71
CA ALA C 26 27.77 -2.12 -5.00
C ALA C 26 28.65 -1.02 -4.41
N ILE C 27 29.29 -1.35 -3.28
CA ILE C 27 29.89 -0.38 -2.38
C ILE C 27 31.26 0.04 -2.90
N LEU C 28 31.49 1.34 -3.05
CA LEU C 28 32.77 1.85 -3.51
C LEU C 28 33.81 1.80 -2.40
N ASN C 29 35.07 1.59 -2.81
CA ASN C 29 36.21 1.59 -1.91
C ASN C 29 36.74 3.01 -1.80
N SER C 30 37.70 3.19 -0.89
CA SER C 30 38.21 4.50 -0.49
C SER C 30 38.67 5.29 -1.72
N SER C 31 39.53 4.68 -2.54
CA SER C 31 40.09 5.37 -3.68
C SER C 31 38.99 5.78 -4.66
N ALA C 32 37.90 5.01 -4.69
CA ALA C 32 36.74 5.34 -5.52
C ALA C 32 35.97 6.48 -4.90
N LEU C 33 35.93 6.51 -3.56
CA LEU C 33 35.29 7.61 -2.87
C LEU C 33 36.03 8.91 -3.17
N ARG C 34 37.37 8.89 -3.13
CA ARG C 34 38.16 10.09 -3.42
C ARG C 34 37.85 10.60 -4.84
N GLN C 35 37.90 9.70 -5.83
CA GLN C 35 37.73 10.08 -7.22
C GLN C 35 36.38 10.78 -7.36
N ILE C 36 35.39 10.33 -6.60
CA ILE C 36 34.06 10.92 -6.71
C ILE C 36 34.05 12.28 -6.01
N ALA C 37 34.60 12.35 -4.79
CA ALA C 37 34.65 13.61 -4.06
C ALA C 37 35.49 14.61 -4.83
N GLU C 38 36.35 14.09 -5.72
CA GLU C 38 37.24 14.87 -6.57
C GLU C 38 36.48 15.34 -7.82
N GLY C 39 35.47 14.57 -8.24
CA GLY C 39 34.81 14.75 -9.53
C GLY C 39 33.70 15.81 -9.54
N THR C 40 33.19 16.18 -8.37
CA THR C 40 32.16 17.21 -8.31
C THR C 40 32.83 18.55 -7.98
N SER C 41 32.16 19.66 -8.32
CA SER C 41 32.66 20.94 -7.86
C SER C 41 31.53 21.90 -7.52
N ILE C 42 31.55 22.34 -6.26
CA ILE C 42 30.50 23.14 -5.65
C ILE C 42 30.39 24.51 -6.30
N SER C 43 31.47 25.00 -6.92
CA SER C 43 31.46 26.34 -7.48
C SER C 43 30.99 26.31 -8.94
N GLU C 44 31.39 25.26 -9.67
CA GLU C 44 30.84 24.99 -10.99
C GLU C 44 29.32 24.99 -10.89
N MET C 45 28.78 24.09 -10.05
CA MET C 45 27.34 24.01 -9.85
C MET C 45 26.81 25.40 -9.53
N TRP C 46 27.47 26.06 -8.58
CA TRP C 46 26.97 27.29 -8.00
C TRP C 46 26.67 28.32 -9.10
N GLN C 47 27.59 28.41 -10.06
CA GLN C 47 27.56 29.49 -11.03
C GLN C 47 26.59 29.16 -12.16
N ASN C 48 26.64 27.90 -12.62
CA ASN C 48 26.01 27.50 -13.87
C ASN C 48 24.69 26.78 -13.62
N ASP C 49 24.55 26.17 -12.43
CA ASP C 49 23.34 25.40 -12.14
C ASP C 49 22.45 26.19 -11.20
N LEU C 50 23.05 26.70 -10.13
CA LEU C 50 22.25 27.23 -9.03
C LEU C 50 21.82 28.63 -9.39
N GLN C 51 22.79 29.47 -9.73
CA GLN C 51 22.58 30.91 -9.86
C GLN C 51 21.42 31.21 -10.81
N PRO C 52 21.41 30.67 -12.06
CA PRO C 52 20.34 30.94 -13.00
C PRO C 52 18.93 30.73 -12.47
N LEU C 53 18.78 29.85 -11.46
CA LEU C 53 17.49 29.41 -10.97
C LEU C 53 16.99 30.32 -9.85
N LEU C 54 17.90 31.12 -9.31
CA LEU C 54 17.64 31.97 -8.15
C LEU C 54 16.88 33.21 -8.63
N ILE C 55 15.67 32.94 -9.12
CA ILE C 55 14.75 33.88 -9.73
C ILE C 55 13.35 33.48 -9.28
N GLU C 56 12.38 34.36 -9.51
CA GLU C 56 10.99 34.09 -9.19
C GLU C 56 10.41 33.20 -10.30
N ARG C 57 9.86 32.04 -9.94
CA ARG C 57 9.54 31.03 -10.94
C ARG C 57 8.27 30.24 -10.59
N TYR C 58 7.29 30.93 -9.98
CA TYR C 58 5.99 30.32 -9.72
C TYR C 58 5.29 30.03 -11.05
N PRO C 59 4.14 29.32 -11.04
CA PRO C 59 3.61 28.71 -12.25
C PRO C 59 3.01 29.74 -13.21
N GLY C 60 3.55 29.78 -14.45
CA GLY C 60 3.05 30.66 -15.48
C GLY C 60 3.83 31.98 -15.53
N SER C 61 4.63 32.20 -14.48
CA SER C 61 5.59 33.29 -14.41
C SER C 61 6.67 33.06 -15.46
N PRO C 62 7.36 34.12 -15.92
CA PRO C 62 8.38 33.95 -16.97
C PRO C 62 9.54 33.18 -16.37
N GLY C 63 9.72 33.30 -15.05
CA GLY C 63 10.70 32.53 -14.30
C GLY C 63 10.50 31.04 -14.45
N SER C 64 9.23 30.62 -14.53
CA SER C 64 8.90 29.22 -14.75
C SER C 64 9.51 28.76 -16.08
N TYR C 65 9.27 29.51 -17.16
CA TYR C 65 9.79 29.18 -18.49
C TYR C 65 11.31 29.18 -18.49
N ALA C 66 11.90 30.19 -17.84
CA ALA C 66 13.35 30.36 -17.76
C ALA C 66 13.97 29.17 -17.02
N ALA C 67 13.41 28.84 -15.87
CA ALA C 67 13.91 27.73 -15.10
C ALA C 67 13.88 26.45 -15.94
N ARG C 68 12.68 26.15 -16.45
CA ARG C 68 12.40 24.99 -17.28
C ARG C 68 13.42 24.95 -18.41
N GLN C 69 13.58 26.09 -19.10
CA GLN C 69 14.52 26.12 -20.20
C GLN C 69 15.94 25.89 -19.66
N HIS C 70 16.24 26.50 -18.52
CA HIS C 70 17.57 26.42 -17.97
C HIS C 70 17.92 24.96 -17.70
N ILE C 71 16.95 24.23 -17.17
CA ILE C 71 17.14 22.86 -16.71
C ILE C 71 17.38 21.96 -17.92
N MET C 72 16.49 22.06 -18.90
CA MET C 72 16.59 21.23 -20.08
C MET C 72 17.87 21.52 -20.86
N GLN C 73 18.33 22.78 -20.84
CA GLN C 73 19.52 23.17 -21.57
C GLN C 73 20.74 22.49 -20.95
N ARG C 74 20.74 22.34 -19.62
CA ARG C 74 21.91 21.88 -18.90
C ARG C 74 22.04 20.38 -19.09
N ILE C 75 20.89 19.70 -19.16
CA ILE C 75 20.87 18.25 -19.31
C ILE C 75 21.21 17.89 -20.75
N GLN C 76 20.79 18.75 -21.69
CA GLN C 76 21.00 18.46 -23.09
C GLN C 76 22.49 18.49 -23.40
N ARG C 77 23.22 19.35 -22.68
CA ARG C 77 24.64 19.51 -22.97
C ARG C 77 25.45 18.30 -22.50
N LEU C 78 24.83 17.41 -21.71
CA LEU C 78 25.56 16.26 -21.24
C LEU C 78 25.57 15.17 -22.31
N GLN C 79 26.49 14.20 -22.16
CA GLN C 79 26.73 13.16 -23.14
C GLN C 79 25.72 12.02 -22.98
N ALA C 80 25.63 11.45 -21.77
CA ALA C 80 24.74 10.34 -21.52
C ALA C 80 23.37 10.59 -22.15
N ASP C 81 22.81 9.57 -22.80
CA ASP C 81 21.59 9.71 -23.59
C ASP C 81 20.39 9.96 -22.68
N TRP C 82 20.36 11.12 -22.03
CA TRP C 82 19.20 11.60 -21.28
C TRP C 82 18.06 11.86 -22.25
N VAL C 83 16.83 11.52 -21.83
CA VAL C 83 15.64 11.68 -22.63
C VAL C 83 14.69 12.60 -21.89
N LEU C 84 14.44 13.77 -22.46
CA LEU C 84 13.61 14.77 -21.78
C LEU C 84 12.16 14.64 -22.23
N GLU C 85 11.23 14.99 -21.33
CA GLU C 85 9.81 15.03 -21.59
C GLU C 85 9.20 16.09 -20.70
N ILE C 86 8.18 16.81 -21.21
CA ILE C 86 7.46 17.82 -20.45
C ILE C 86 6.00 17.38 -20.27
N ASP C 87 5.63 17.15 -19.01
CA ASP C 87 4.28 16.74 -18.68
C ASP C 87 3.45 18.00 -18.47
N THR C 88 3.01 18.62 -19.55
CA THR C 88 2.27 19.85 -19.39
C THR C 88 0.80 19.50 -19.26
N PHE C 89 0.14 20.12 -18.27
CA PHE C 89 -1.29 19.93 -18.09
C PHE C 89 -1.86 21.21 -17.52
N LEU C 90 -3.16 21.40 -17.75
CA LEU C 90 -3.88 22.51 -17.15
C LEU C 90 -4.53 21.95 -15.90
N SER C 91 -4.74 22.83 -14.93
CA SER C 91 -5.51 22.52 -13.73
C SER C 91 -6.03 23.79 -13.09
N GLN C 92 -7.17 23.65 -12.41
CA GLN C 92 -7.75 24.74 -11.65
C GLN C 92 -6.81 25.07 -10.50
N THR C 93 -6.78 26.36 -10.11
CA THR C 93 -6.10 26.84 -8.91
C THR C 93 -6.99 27.88 -8.23
N PRO C 94 -6.79 28.15 -6.91
CA PRO C 94 -7.54 29.20 -6.23
C PRO C 94 -7.45 30.52 -6.97
N GLU C 95 -6.54 30.59 -7.95
CA GLU C 95 -6.30 31.80 -8.72
C GLU C 95 -6.90 31.65 -10.13
N GLY C 96 -7.54 30.52 -10.40
CA GLY C 96 -7.98 30.25 -11.77
C GLY C 96 -6.98 29.37 -12.52
N GLU C 97 -7.42 28.84 -13.66
CA GLU C 97 -6.71 27.77 -14.35
C GLU C 97 -5.25 28.15 -14.53
N ARG C 98 -4.39 27.14 -14.36
CA ARG C 98 -2.98 27.33 -14.64
C ARG C 98 -2.43 26.11 -15.38
N SER C 99 -1.33 26.33 -16.10
CA SER C 99 -0.63 25.29 -16.83
C SER C 99 0.63 24.92 -16.06
N PHE C 100 0.84 23.61 -15.90
CA PHE C 100 2.01 23.14 -15.17
C PHE C 100 2.84 22.23 -16.05
N SER C 101 4.15 22.20 -15.80
CA SER C 101 5.00 21.41 -16.66
C SER C 101 6.03 20.70 -15.81
N ASN C 102 5.71 19.46 -15.43
CA ASN C 102 6.69 18.61 -14.80
C ASN C 102 7.77 18.31 -15.84
N ILE C 103 9.04 18.35 -15.40
CA ILE C 103 10.20 18.00 -16.21
C ILE C 103 10.66 16.62 -15.79
N ILE C 104 10.70 15.67 -16.74
CA ILE C 104 11.17 14.30 -16.55
C ILE C 104 12.41 14.14 -17.41
N SER C 105 13.40 13.39 -16.91
CA SER C 105 14.62 13.16 -17.65
C SER C 105 15.11 11.75 -17.38
N THR C 106 15.25 10.96 -18.44
CA THR C 106 15.40 9.55 -18.20
C THR C 106 16.55 8.98 -19.01
N LEU C 107 17.41 8.23 -18.33
CA LEU C 107 18.35 7.37 -19.02
C LEU C 107 17.66 6.04 -19.28
N ASN C 108 17.69 5.60 -20.53
CA ASN C 108 17.20 4.28 -20.94
C ASN C 108 15.76 4.08 -20.50
N PRO C 109 14.80 4.89 -21.02
CA PRO C 109 13.40 4.86 -20.57
C PRO C 109 12.69 3.51 -20.61
N THR C 110 13.09 2.64 -21.54
CA THR C 110 12.38 1.39 -21.76
C THR C 110 12.91 0.26 -20.87
N ALA C 111 13.85 0.56 -19.96
CA ALA C 111 14.26 -0.36 -18.91
C ALA C 111 13.16 -0.38 -17.84
N LYS C 112 12.91 -1.55 -17.26
CA LYS C 112 11.76 -1.75 -16.37
C LYS C 112 11.92 -0.94 -15.09
N ARG C 113 13.13 -0.99 -14.50
CA ARG C 113 13.45 -0.43 -13.19
C ARG C 113 14.25 0.88 -13.32
N HIS C 114 13.92 1.84 -12.46
CA HIS C 114 14.55 3.16 -12.41
C HIS C 114 14.68 3.65 -10.98
N LEU C 115 15.88 4.06 -10.58
CA LEU C 115 16.05 4.91 -9.42
C LEU C 115 15.72 6.36 -9.80
N VAL C 116 15.03 7.08 -8.89
CA VAL C 116 14.44 8.36 -9.24
C VAL C 116 14.86 9.42 -8.23
N LEU C 117 15.60 10.44 -8.69
CA LEU C 117 15.82 11.62 -7.85
C LEU C 117 14.85 12.72 -8.28
N ALA C 118 14.37 13.51 -7.31
CA ALA C 118 13.34 14.49 -7.65
C ALA C 118 13.29 15.66 -6.65
N CYS C 119 12.64 16.74 -7.09
CA CYS C 119 12.40 17.95 -6.33
C CYS C 119 11.41 18.83 -7.08
N HIS C 120 11.30 20.11 -6.65
CA HIS C 120 10.36 21.04 -7.23
C HIS C 120 11.09 22.29 -7.73
N TYR C 121 11.01 22.50 -9.05
CA TYR C 121 11.67 23.63 -9.70
C TYR C 121 10.81 24.89 -9.58
N ASP C 122 9.55 24.75 -9.13
CA ASP C 122 8.68 25.90 -8.92
C ASP C 122 9.17 26.63 -7.67
N SER C 123 8.55 27.78 -7.38
CA SER C 123 8.79 28.46 -6.12
C SER C 123 7.48 29.07 -5.63
N LYS C 124 7.34 29.25 -4.31
CA LYS C 124 6.08 29.70 -3.76
C LYS C 124 5.80 31.13 -4.21
N TYR C 125 4.51 31.51 -4.17
CA TYR C 125 4.07 32.85 -4.51
C TYR C 125 4.01 33.72 -3.24
N PHE C 126 4.64 34.89 -3.32
CA PHE C 126 4.50 35.94 -2.32
C PHE C 126 4.48 37.30 -2.99
N SER C 127 3.85 38.27 -2.32
CA SER C 127 3.91 39.67 -2.75
C SER C 127 5.36 40.15 -2.68
N HIS C 128 5.62 41.29 -3.33
CA HIS C 128 6.95 41.88 -3.26
C HIS C 128 7.00 42.86 -2.09
N TRP C 129 6.99 42.30 -0.86
CA TRP C 129 7.01 43.08 0.36
C TRP C 129 8.41 43.65 0.59
N ASN C 130 8.49 45.00 0.58
CA ASN C 130 9.69 45.78 0.83
C ASN C 130 10.69 45.66 -0.33
N ASN C 131 10.15 45.44 -1.55
CA ASN C 131 10.90 45.40 -2.80
C ASN C 131 11.91 44.24 -2.80
N ARG C 132 11.44 43.07 -2.36
CA ARG C 132 12.22 41.83 -2.39
C ARG C 132 11.31 40.68 -2.80
N VAL C 133 11.84 39.78 -3.63
CA VAL C 133 11.06 38.69 -4.18
C VAL C 133 11.55 37.36 -3.61
N PHE C 134 10.62 36.44 -3.34
CA PHE C 134 10.97 35.11 -2.84
C PHE C 134 11.48 34.23 -3.98
N VAL C 135 12.69 33.66 -3.79
CA VAL C 135 13.32 32.84 -4.82
C VAL C 135 13.60 31.42 -4.33
N GLY C 136 13.14 31.06 -3.13
CA GLY C 136 13.31 29.73 -2.55
C GLY C 136 14.67 29.08 -2.88
N ALA C 137 15.74 29.63 -2.29
CA ALA C 137 17.08 29.13 -2.51
C ALA C 137 17.15 27.67 -2.08
N THR C 138 16.66 27.41 -0.86
CA THR C 138 16.60 26.06 -0.32
C THR C 138 15.35 25.34 -0.83
N ASP C 139 14.39 26.11 -1.36
CA ASP C 139 13.03 25.58 -1.51
C ASP C 139 12.51 25.77 -2.94
N SER C 140 13.05 25.02 -3.91
CA SER C 140 14.03 23.97 -3.73
C SER C 140 15.07 24.11 -4.85
N ALA C 141 15.58 25.33 -4.99
CA ALA C 141 16.49 25.68 -6.08
C ALA C 141 17.81 24.94 -5.93
N VAL C 142 18.27 24.77 -4.69
CA VAL C 142 19.49 24.03 -4.44
C VAL C 142 19.28 22.58 -4.85
N PRO C 143 18.27 21.88 -4.31
CA PRO C 143 17.95 20.52 -4.74
C PRO C 143 17.99 20.34 -6.25
N CYS C 144 17.48 21.35 -6.98
CA CYS C 144 17.45 21.29 -8.43
C CYS C 144 18.87 21.34 -8.96
N ALA C 145 19.61 22.33 -8.44
CA ALA C 145 20.99 22.59 -8.81
C ALA C 145 21.83 21.36 -8.47
N MET C 146 21.48 20.69 -7.37
CA MET C 146 22.25 19.55 -6.90
C MET C 146 22.07 18.40 -7.88
N MET C 147 20.83 18.21 -8.32
CA MET C 147 20.48 17.15 -9.25
C MET C 147 21.20 17.39 -10.56
N LEU C 148 21.26 18.66 -10.97
CA LEU C 148 21.95 19.01 -12.19
C LEU C 148 23.46 18.85 -12.02
N GLU C 149 23.94 18.88 -10.77
CA GLU C 149 25.38 18.74 -10.58
C GLU C 149 25.76 17.26 -10.67
N LEU C 150 24.90 16.40 -10.11
CA LEU C 150 25.05 14.96 -10.21
C LEU C 150 25.02 14.50 -11.66
N ALA C 151 24.01 14.99 -12.41
CA ALA C 151 23.83 14.61 -13.81
C ALA C 151 25.12 14.88 -14.60
N ARG C 152 25.84 15.93 -14.15
CA ARG C 152 27.06 16.42 -14.79
C ARG C 152 28.28 15.74 -14.19
N ALA C 153 28.34 15.68 -12.86
CA ALA C 153 29.48 15.11 -12.16
C ALA C 153 29.66 13.63 -12.56
N LEU C 154 28.54 12.95 -12.84
CA LEU C 154 28.52 11.51 -13.03
C LEU C 154 28.40 11.14 -14.50
N ASP C 155 28.35 12.16 -15.38
CA ASP C 155 28.06 11.97 -16.79
C ASP C 155 28.86 10.80 -17.36
N LYS C 156 30.19 10.86 -17.23
CA LYS C 156 31.10 9.88 -17.81
C LYS C 156 30.58 8.47 -17.50
N LYS C 157 30.33 8.21 -16.21
CA LYS C 157 29.93 6.92 -15.67
C LYS C 157 28.59 6.53 -16.27
N LEU C 158 27.63 7.47 -16.26
CA LEU C 158 26.27 7.19 -16.70
C LEU C 158 26.25 6.83 -18.19
N LEU C 159 27.30 7.23 -18.92
CA LEU C 159 27.34 7.00 -20.35
C LEU C 159 27.46 5.50 -20.66
N SER C 160 27.97 4.71 -19.71
CA SER C 160 28.12 3.28 -19.92
C SER C 160 26.78 2.55 -19.79
N LEU C 161 25.74 3.29 -19.38
CA LEU C 161 24.39 2.73 -19.30
C LEU C 161 23.75 2.70 -20.69
N LYS C 162 24.46 3.25 -21.69
CA LYS C 162 24.03 3.15 -23.07
C LYS C 162 24.31 1.74 -23.59
N THR C 163 25.08 0.94 -22.83
CA THR C 163 25.18 -0.50 -23.07
C THR C 163 24.02 -1.22 -22.37
N LYS C 168 23.66 -7.86 -15.88
CA LYS C 168 23.46 -6.59 -15.14
C LYS C 168 21.97 -6.29 -15.04
N PRO C 169 21.43 -5.90 -13.85
CA PRO C 169 19.99 -5.65 -13.69
C PRO C 169 19.45 -4.61 -14.67
N ASP C 170 18.18 -4.75 -15.05
CA ASP C 170 17.52 -3.83 -15.97
C ASP C 170 17.12 -2.56 -15.22
N LEU C 171 18.11 -1.71 -14.92
CA LEU C 171 17.93 -0.59 -14.01
C LEU C 171 18.70 0.61 -14.53
N SER C 172 18.09 1.82 -14.41
CA SER C 172 18.69 3.06 -14.87
C SER C 172 18.40 4.18 -13.89
N LEU C 173 18.53 5.42 -14.37
CA LEU C 173 18.37 6.62 -13.56
C LEU C 173 17.27 7.52 -14.13
N GLN C 174 16.58 8.24 -13.24
CA GLN C 174 15.59 9.19 -13.70
C GLN C 174 15.56 10.40 -12.77
N LEU C 175 15.59 11.59 -13.36
CA LEU C 175 15.37 12.85 -12.64
C LEU C 175 13.98 13.38 -12.98
N ILE C 176 13.22 13.70 -11.93
CA ILE C 176 11.94 14.37 -12.09
C ILE C 176 12.06 15.75 -11.44
N PHE C 177 11.57 16.78 -12.15
CA PHE C 177 11.51 18.15 -11.66
C PHE C 177 10.06 18.63 -11.64
N PHE C 178 9.39 18.42 -10.51
CA PHE C 178 7.96 18.64 -10.37
C PHE C 178 7.66 20.13 -10.47
N ASP C 179 6.56 20.45 -11.13
CA ASP C 179 6.08 21.83 -11.14
C ASP C 179 4.98 21.93 -10.09
N GLY C 180 4.78 23.15 -9.57
CA GLY C 180 3.65 23.51 -8.71
C GLY C 180 3.48 22.64 -7.47
N GLU C 181 4.54 22.51 -6.68
CA GLU C 181 4.46 21.74 -5.46
C GLU C 181 3.83 22.61 -4.37
N GLU C 182 4.20 23.89 -4.40
CA GLU C 182 3.79 24.88 -3.42
C GLU C 182 2.31 25.21 -3.61
N ALA C 183 1.65 25.56 -2.50
CA ALA C 183 0.27 25.98 -2.48
C ALA C 183 0.17 27.43 -2.97
N PHE C 184 -1.02 27.77 -3.47
CA PHE C 184 -1.29 29.10 -3.97
C PHE C 184 -1.78 29.96 -2.81
N LEU C 185 -2.73 29.41 -2.06
CA LEU C 185 -3.41 30.16 -1.01
C LEU C 185 -3.15 29.51 0.34
N HIS C 186 -4.17 28.84 0.88
CA HIS C 186 -3.99 28.00 2.03
C HIS C 186 -3.74 26.55 1.56
N TRP C 187 -2.59 25.98 1.97
CA TRP C 187 -2.21 24.62 1.64
C TRP C 187 -3.27 23.60 2.04
N SER C 188 -3.82 22.93 1.03
CA SER C 188 -4.84 21.92 1.21
C SER C 188 -4.57 20.82 0.19
N PRO C 189 -5.34 19.70 0.18
CA PRO C 189 -5.07 18.60 -0.73
C PRO C 189 -5.35 19.02 -2.17
N GLN C 190 -6.17 20.08 -2.33
CA GLN C 190 -6.56 20.58 -3.64
C GLN C 190 -5.64 21.73 -4.07
N ASP C 191 -4.81 22.21 -3.13
CA ASP C 191 -3.95 23.35 -3.39
C ASP C 191 -2.49 23.10 -3.01
N SER C 192 -1.81 22.22 -3.77
CA SER C 192 -0.46 21.76 -3.47
C SER C 192 -0.12 20.66 -4.48
N LEU C 193 1.16 20.22 -4.48
CA LEU C 193 1.59 19.03 -5.20
C LEU C 193 0.89 18.86 -6.55
N TYR C 194 0.61 19.99 -7.22
CA TYR C 194 -0.09 19.98 -8.49
C TYR C 194 0.63 19.05 -9.48
N GLY C 195 1.95 19.20 -9.57
CA GLY C 195 2.76 18.46 -10.53
C GLY C 195 2.80 16.98 -10.20
N SER C 196 3.11 16.69 -8.93
CA SER C 196 3.22 15.31 -8.46
C SER C 196 1.87 14.61 -8.57
N ARG C 197 0.82 15.24 -8.03
CA ARG C 197 -0.50 14.60 -7.99
C ARG C 197 -0.88 14.09 -9.38
N HIS C 198 -0.46 14.83 -10.40
CA HIS C 198 -0.80 14.54 -11.79
C HIS C 198 0.10 13.45 -12.35
N LEU C 199 1.41 13.57 -12.12
CA LEU C 199 2.37 12.64 -12.69
C LEU C 199 2.19 11.25 -12.08
N ALA C 200 1.80 11.24 -10.79
CA ALA C 200 1.48 10.02 -10.07
C ALA C 200 0.33 9.29 -10.77
N ALA C 201 -0.75 10.02 -11.07
CA ALA C 201 -1.90 9.40 -11.73
C ALA C 201 -1.48 8.89 -13.10
N LYS C 202 -0.72 9.71 -13.86
CA LYS C 202 -0.34 9.35 -15.21
C LYS C 202 0.45 8.05 -15.18
N MET C 203 1.52 8.00 -14.36
CA MET C 203 2.40 6.84 -14.26
C MET C 203 1.64 5.61 -13.75
N ALA C 204 0.71 5.83 -12.82
CA ALA C 204 -0.02 4.75 -12.19
C ALA C 204 -0.95 4.07 -13.16
N SER C 205 -1.06 4.61 -14.38
CA SER C 205 -1.95 3.99 -15.35
C SER C 205 -1.24 3.80 -16.67
N THR C 206 0.00 4.27 -16.76
CA THR C 206 0.79 4.00 -17.96
C THR C 206 1.40 2.61 -17.80
N PRO C 207 1.05 1.61 -18.64
CA PRO C 207 1.67 0.29 -18.56
C PRO C 207 3.18 0.45 -18.72
N HIS C 208 3.93 -0.41 -18.05
CA HIS C 208 5.37 -0.40 -18.18
C HIS C 208 5.88 -1.80 -17.83
N PRO C 209 6.74 -2.40 -18.70
CA PRO C 209 7.10 -1.78 -19.98
C PRO C 209 5.89 -1.72 -20.91
N PRO C 210 6.03 -1.18 -22.14
CA PRO C 210 4.97 -1.26 -23.15
C PRO C 210 4.53 -2.68 -23.45
N GLY C 211 3.20 -2.86 -23.44
CA GLY C 211 2.52 -4.09 -23.82
C GLY C 211 2.40 -5.10 -22.67
N ALA C 212 2.68 -4.65 -21.44
CA ALA C 212 2.73 -5.53 -20.29
C ALA C 212 1.34 -5.64 -19.65
N ARG C 213 1.13 -6.73 -18.92
CA ARG C 213 -0.11 -6.97 -18.20
C ARG C 213 0.09 -6.60 -16.73
N GLY C 214 -0.74 -5.68 -16.21
CA GLY C 214 -0.75 -5.41 -14.78
C GLY C 214 0.23 -4.30 -14.35
N THR C 215 1.50 -4.41 -14.76
CA THR C 215 2.56 -3.56 -14.24
C THR C 215 2.52 -2.16 -14.86
N SER C 216 2.46 -1.14 -14.00
CA SER C 216 2.47 0.25 -14.40
C SER C 216 3.88 0.81 -14.25
N GLN C 217 4.01 2.11 -14.52
CA GLN C 217 5.27 2.81 -14.45
C GLN C 217 5.67 3.04 -13.00
N LEU C 218 4.70 2.94 -12.10
CA LEU C 218 5.02 3.05 -10.69
C LEU C 218 5.75 1.80 -10.22
N HIS C 219 5.40 0.64 -10.79
CA HIS C 219 6.13 -0.59 -10.58
C HIS C 219 7.61 -0.44 -10.94
N GLY C 220 7.94 0.54 -11.79
CA GLY C 220 9.29 0.73 -12.28
C GLY C 220 10.13 1.64 -11.38
N MET C 221 9.48 2.26 -10.40
CA MET C 221 10.17 3.19 -9.51
C MET C 221 10.75 2.43 -8.32
N ASP C 222 12.04 2.09 -8.41
CA ASP C 222 12.76 1.34 -7.38
C ASP C 222 12.75 2.11 -6.06
N LEU C 223 12.94 3.44 -6.13
CA LEU C 223 13.03 4.31 -4.96
C LEU C 223 12.86 5.77 -5.37
N LEU C 224 11.96 6.50 -4.70
CA LEU C 224 11.85 7.93 -4.91
C LEU C 224 12.74 8.67 -3.92
N VAL C 225 13.83 9.25 -4.41
CA VAL C 225 14.69 10.11 -3.61
C VAL C 225 14.29 11.57 -3.78
N LEU C 226 13.68 12.17 -2.74
CA LEU C 226 13.04 13.49 -2.88
C LEU C 226 13.76 14.58 -2.09
N LEU C 227 14.44 15.48 -2.82
CA LEU C 227 15.24 16.56 -2.26
C LEU C 227 14.34 17.77 -2.04
N ASP C 228 14.46 18.36 -0.84
CA ASP C 228 13.60 19.49 -0.56
C ASP C 228 14.11 20.19 0.69
N LEU C 229 14.26 21.51 0.57
CA LEU C 229 14.58 22.35 1.71
C LEU C 229 16.03 22.09 2.13
N ILE C 230 16.90 21.81 1.14
CA ILE C 230 18.33 21.62 1.33
C ILE C 230 19.07 22.91 0.99
N GLY C 231 20.06 23.28 1.83
CA GLY C 231 20.80 24.52 1.65
C GLY C 231 21.26 25.19 2.94
N ALA C 232 20.43 25.15 4.00
CA ALA C 232 20.77 25.66 5.32
C ALA C 232 21.99 24.92 5.89
N PRO C 233 22.72 25.51 6.86
CA PRO C 233 23.78 24.78 7.56
C PRO C 233 23.23 23.79 8.58
N ASN C 234 24.06 22.79 8.93
CA ASN C 234 23.74 21.80 9.96
C ASN C 234 22.31 21.26 9.79
N PRO C 235 21.96 20.71 8.61
CA PRO C 235 20.68 20.01 8.48
C PRO C 235 20.66 18.75 9.32
N THR C 236 19.46 18.37 9.75
CA THR C 236 19.30 17.04 10.28
C THR C 236 18.15 16.37 9.52
N PHE C 237 18.47 15.26 8.84
CA PHE C 237 17.48 14.43 8.16
C PHE C 237 17.11 13.24 9.03
N PRO C 238 15.81 13.02 9.35
CA PRO C 238 15.38 11.80 10.03
C PRO C 238 15.10 10.71 9.00
N ASN C 239 15.18 9.45 9.46
CA ASN C 239 14.77 8.33 8.64
C ASN C 239 13.27 8.10 8.83
N PHE C 240 12.47 8.42 7.81
CA PHE C 240 11.03 8.53 7.98
C PHE C 240 10.33 7.21 7.73
N PHE C 241 10.90 6.35 6.88
CA PHE C 241 10.11 5.24 6.38
C PHE C 241 10.86 3.93 6.55
N PRO C 242 10.27 2.93 7.27
CA PRO C 242 10.94 1.66 7.54
C PRO C 242 11.19 0.89 6.24
N ASN C 243 10.28 1.06 5.27
CA ASN C 243 10.36 0.41 3.99
C ASN C 243 11.56 0.92 3.18
N SER C 244 12.32 1.87 3.72
CA SER C 244 13.42 2.49 2.98
C SER C 244 14.64 2.73 3.87
N ALA C 245 14.46 2.42 5.15
CA ALA C 245 15.44 2.69 6.20
C ALA C 245 16.78 2.06 5.82
N ARG C 246 16.71 0.91 5.14
CA ARG C 246 17.87 0.23 4.59
C ARG C 246 18.77 1.21 3.85
N TRP C 247 18.17 2.01 2.96
CA TRP C 247 18.96 2.87 2.10
C TRP C 247 19.35 4.15 2.84
N PHE C 248 18.56 4.54 3.86
CA PHE C 248 18.92 5.67 4.71
C PHE C 248 20.23 5.37 5.43
N GLU C 249 20.42 4.11 5.82
CA GLU C 249 21.62 3.65 6.50
C GLU C 249 22.81 3.69 5.55
N ARG C 250 22.57 3.51 4.25
CA ARG C 250 23.62 3.72 3.28
C ARG C 250 24.07 5.18 3.30
N LEU C 251 23.11 6.11 3.39
CA LEU C 251 23.44 7.53 3.43
C LEU C 251 24.27 7.82 4.69
N GLN C 252 23.74 7.40 5.84
CA GLN C 252 24.46 7.44 7.10
C GLN C 252 25.88 6.92 6.91
N ALA C 253 25.99 5.72 6.31
CA ALA C 253 27.27 5.05 6.14
C ALA C 253 28.17 5.80 5.17
N ILE C 254 27.62 6.27 4.03
CA ILE C 254 28.44 7.03 3.09
C ILE C 254 29.00 8.25 3.83
N GLU C 255 28.10 9.01 4.48
CA GLU C 255 28.45 10.23 5.18
C GLU C 255 29.58 10.01 6.18
N HIS C 256 29.58 8.82 6.78
CA HIS C 256 30.57 8.46 7.77
C HIS C 256 31.87 8.16 7.05
N GLU C 257 31.84 7.16 6.15
CA GLU C 257 32.96 6.77 5.32
C GLU C 257 33.73 8.01 4.87
N LEU C 258 33.02 9.02 4.36
CA LEU C 258 33.65 10.17 3.73
C LEU C 258 34.32 11.04 4.78
N HIS C 259 33.62 11.28 5.90
CA HIS C 259 34.17 12.07 6.97
C HIS C 259 35.54 11.52 7.36
N GLU C 260 35.60 10.20 7.62
CA GLU C 260 36.80 9.50 8.04
C GLU C 260 37.97 9.83 7.11
N LEU C 261 37.68 9.89 5.80
CA LEU C 261 38.72 10.07 4.81
C LEU C 261 38.98 11.56 4.66
N GLY C 262 38.29 12.34 5.49
CA GLY C 262 38.33 13.80 5.48
C GLY C 262 38.03 14.37 4.10
N LEU C 263 36.88 13.99 3.54
CA LEU C 263 36.51 14.46 2.22
C LEU C 263 35.26 15.35 2.31
N LEU C 264 34.85 15.65 3.54
CA LEU C 264 33.77 16.61 3.74
C LEU C 264 34.33 17.86 4.40
N LYS C 265 34.03 19.02 3.81
CA LYS C 265 34.48 20.31 4.37
C LYS C 265 33.52 20.74 5.48
N ASP C 266 34.08 21.35 6.55
CA ASP C 266 33.37 21.84 7.71
C ASP C 266 32.34 20.79 8.17
N HIS C 267 32.83 19.59 8.54
CA HIS C 267 32.00 18.46 8.92
C HIS C 267 32.51 17.86 10.22
N SER C 268 31.58 17.65 11.17
CA SER C 268 31.85 16.88 12.38
C SER C 268 30.80 15.77 12.50
N LEU C 269 30.99 14.86 13.44
CA LEU C 269 30.07 13.74 13.57
C LEU C 269 29.10 13.97 14.71
N GLU C 270 29.57 14.69 15.74
CA GLU C 270 28.68 15.23 16.76
C GLU C 270 27.64 16.05 15.99
N GLY C 271 28.04 16.60 14.85
CA GLY C 271 27.15 17.35 13.97
C GLY C 271 26.84 16.84 12.56
N ARG C 272 26.35 15.61 12.45
CA ARG C 272 26.09 14.99 11.15
C ARG C 272 24.63 15.10 10.72
N TYR C 273 24.39 14.82 9.43
CA TYR C 273 23.11 15.13 8.79
C TYR C 273 22.16 13.95 8.87
N PHE C 274 22.72 12.72 8.82
CA PHE C 274 21.90 11.51 8.76
C PHE C 274 21.80 10.85 10.13
N GLN C 275 20.64 11.08 10.76
CA GLN C 275 20.40 10.80 12.16
C GLN C 275 19.64 9.48 12.31
N ASN C 276 19.97 8.73 13.36
CA ASN C 276 19.40 7.42 13.65
C ASN C 276 17.87 7.48 13.77
N TYR C 277 17.34 8.63 14.20
CA TYR C 277 15.99 8.72 14.76
C TYR C 277 14.91 8.94 13.69
N SER C 278 13.66 8.84 14.15
CA SER C 278 12.46 8.89 13.33
C SER C 278 11.84 10.27 13.41
N TYR C 279 10.62 10.40 12.84
CA TYR C 279 9.87 11.66 12.85
C TYR C 279 8.46 11.45 13.39
N GLY C 280 7.94 12.51 14.05
CA GLY C 280 6.71 12.51 14.83
C GLY C 280 5.44 12.75 14.02
N GLY C 281 5.44 13.76 13.15
CA GLY C 281 4.29 14.08 12.31
C GLY C 281 4.31 13.34 10.97
N VAL C 282 3.66 13.91 9.94
CA VAL C 282 3.72 13.36 8.58
C VAL C 282 3.87 14.48 7.55
N ILE C 283 5.06 14.58 6.93
CA ILE C 283 5.42 15.73 6.11
C ILE C 283 4.85 15.61 4.68
N GLN C 284 3.91 16.50 4.38
CA GLN C 284 3.38 16.66 3.03
C GLN C 284 4.46 17.19 2.09
N ASP C 285 4.66 16.48 0.98
CA ASP C 285 5.59 16.85 -0.08
C ASP C 285 5.21 16.01 -1.29
N ASP C 286 6.05 16.07 -2.34
CA ASP C 286 5.71 15.58 -3.67
C ASP C 286 5.60 14.07 -3.66
N HIS C 287 6.25 13.42 -2.69
CA HIS C 287 6.30 11.97 -2.63
C HIS C 287 4.93 11.38 -2.31
N ILE C 288 4.10 12.14 -1.56
CA ILE C 288 2.87 11.61 -1.00
C ILE C 288 2.09 10.83 -2.06
N PRO C 289 1.85 11.40 -3.26
CA PRO C 289 1.09 10.72 -4.32
C PRO C 289 1.73 9.43 -4.80
N PHE C 290 3.02 9.27 -4.54
CA PHE C 290 3.71 8.09 -5.01
C PHE C 290 3.76 7.05 -3.90
N LEU C 291 3.77 7.57 -2.66
CA LEU C 291 3.84 6.74 -1.48
C LEU C 291 2.48 6.05 -1.28
N ARG C 292 1.41 6.84 -1.28
CA ARG C 292 0.07 6.31 -1.09
C ARG C 292 -0.28 5.30 -2.19
N ARG C 293 0.62 5.09 -3.14
CA ARG C 293 0.45 4.05 -4.16
C ARG C 293 1.55 3.00 -4.03
N GLY C 294 2.32 3.07 -2.93
CA GLY C 294 3.23 2.01 -2.53
C GLY C 294 4.60 2.09 -3.18
N VAL C 295 5.01 3.31 -3.57
CA VAL C 295 6.38 3.48 -4.00
C VAL C 295 7.25 3.64 -2.76
N PRO C 296 8.33 2.82 -2.62
CA PRO C 296 9.38 3.08 -1.62
C PRO C 296 9.98 4.48 -1.77
N VAL C 297 9.80 5.33 -0.74
CA VAL C 297 10.28 6.71 -0.76
C VAL C 297 11.43 6.90 0.23
N LEU C 298 12.42 7.69 -0.17
CA LEU C 298 13.47 8.14 0.72
C LEU C 298 13.46 9.66 0.72
N HIS C 299 13.07 10.26 1.85
CA HIS C 299 12.67 11.66 1.88
C HIS C 299 13.74 12.56 2.50
N LEU C 300 14.51 13.23 1.63
CA LEU C 300 15.62 14.08 2.01
C LEU C 300 15.13 15.51 2.23
N ILE C 301 14.25 15.65 3.23
CA ILE C 301 13.77 16.91 3.78
C ILE C 301 14.31 17.02 5.20
N PRO C 302 14.87 18.17 5.62
CA PRO C 302 15.45 18.28 6.97
C PRO C 302 14.41 18.71 7.98
N SER C 303 14.48 18.11 9.16
CA SER C 303 13.67 18.48 10.30
C SER C 303 14.62 18.86 11.43
N PRO C 304 14.55 20.11 11.97
CA PRO C 304 13.56 21.10 11.52
C PRO C 304 13.87 21.70 10.16
N PHE C 305 12.85 22.27 9.50
CA PHE C 305 13.07 23.01 8.28
C PHE C 305 14.02 24.16 8.57
N PRO C 306 14.74 24.71 7.56
CA PRO C 306 15.64 25.86 7.76
C PRO C 306 14.98 27.04 8.45
N GLU C 307 15.79 27.85 9.14
CA GLU C 307 15.28 29.03 9.82
C GLU C 307 14.49 29.88 8.83
N VAL C 308 14.94 29.90 7.58
CA VAL C 308 14.55 30.89 6.59
C VAL C 308 13.38 30.40 5.74
N TRP C 309 12.63 29.39 6.22
CA TRP C 309 11.62 28.74 5.41
C TRP C 309 10.45 29.66 5.10
N HIS C 310 10.17 29.86 3.80
CA HIS C 310 9.05 30.65 3.33
C HIS C 310 9.22 32.09 3.82
N THR C 311 10.35 32.66 3.40
CA THR C 311 10.93 33.85 4.00
C THR C 311 11.88 34.46 2.99
N MET C 312 11.85 35.79 2.93
CA MET C 312 12.60 36.53 1.94
C MET C 312 14.10 36.31 2.16
N ASP C 313 14.45 35.58 3.23
CA ASP C 313 15.85 35.35 3.55
C ASP C 313 16.30 34.00 2.99
N ASP C 314 15.33 33.20 2.54
CA ASP C 314 15.64 31.97 1.82
C ASP C 314 16.28 32.36 0.49
N ASN C 315 17.48 32.95 0.59
CA ASN C 315 18.16 33.52 -0.56
C ASN C 315 19.56 32.93 -0.64
N GLU C 316 20.33 33.37 -1.64
CA GLU C 316 21.68 32.90 -1.85
C GLU C 316 22.50 33.14 -0.59
N GLU C 317 22.55 34.40 -0.14
CA GLU C 317 23.32 34.81 1.01
C GLU C 317 23.32 33.73 2.10
N ASN C 318 22.19 33.05 2.32
CA ASN C 318 22.02 32.22 3.50
C ASN C 318 22.13 30.72 3.21
N LEU C 319 22.59 30.35 2.01
CA LEU C 319 22.93 28.95 1.79
C LEU C 319 24.32 28.72 2.38
N ASP C 320 24.61 27.49 2.85
CA ASP C 320 25.94 27.15 3.32
C ASP C 320 26.64 26.27 2.28
N GLU C 321 27.69 26.83 1.68
CA GLU C 321 28.34 26.27 0.50
C GLU C 321 28.82 24.85 0.79
N SER C 322 29.40 24.65 1.97
CA SER C 322 30.04 23.39 2.35
C SER C 322 29.01 22.28 2.63
N THR C 323 27.90 22.62 3.30
CA THR C 323 26.79 21.69 3.52
C THR C 323 26.28 21.17 2.17
N ILE C 324 26.11 22.09 1.23
CA ILE C 324 25.64 21.72 -0.09
C ILE C 324 26.69 20.86 -0.80
N ASP C 325 27.93 21.35 -0.80
CA ASP C 325 29.03 20.60 -1.37
C ASP C 325 29.11 19.20 -0.77
N ASN C 326 28.93 19.11 0.56
CA ASN C 326 29.06 17.87 1.30
C ASN C 326 27.99 16.88 0.84
N LEU C 327 26.74 17.35 0.70
CA LEU C 327 25.62 16.49 0.35
C LEU C 327 25.73 16.06 -1.11
N ASN C 328 26.38 16.88 -1.95
CA ASN C 328 26.65 16.56 -3.34
C ASN C 328 27.41 15.23 -3.41
N LYS C 329 28.45 15.13 -2.58
CA LYS C 329 29.33 13.96 -2.50
C LYS C 329 28.54 12.74 -2.01
N ILE C 330 27.78 12.89 -0.92
CA ILE C 330 27.07 11.76 -0.32
C ILE C 330 26.08 11.19 -1.33
N LEU C 331 25.22 12.07 -1.87
CA LEU C 331 24.21 11.65 -2.82
C LEU C 331 24.85 11.14 -4.10
N GLN C 332 25.95 11.76 -4.53
CA GLN C 332 26.56 11.26 -5.74
C GLN C 332 26.98 9.81 -5.58
N VAL C 333 27.60 9.47 -4.43
CA VAL C 333 28.11 8.14 -4.21
C VAL C 333 26.94 7.18 -4.04
N PHE C 334 25.87 7.62 -3.36
CA PHE C 334 24.70 6.78 -3.14
C PHE C 334 24.14 6.27 -4.47
N VAL C 335 24.08 7.18 -5.44
CA VAL C 335 23.54 6.87 -6.74
C VAL C 335 24.46 5.86 -7.41
N LEU C 336 25.75 6.18 -7.42
CA LEU C 336 26.74 5.32 -8.04
C LEU C 336 26.59 3.89 -7.52
N GLU C 337 26.58 3.77 -6.18
CA GLU C 337 26.47 2.50 -5.47
C GLU C 337 25.17 1.79 -5.84
N TYR C 338 24.05 2.55 -5.86
CA TYR C 338 22.77 1.94 -6.20
C TYR C 338 22.80 1.35 -7.60
N LEU C 339 23.31 2.14 -8.57
CA LEU C 339 23.33 1.79 -9.99
C LEU C 339 24.46 0.80 -10.30
N HIS C 340 25.35 0.56 -9.34
CA HIS C 340 26.43 -0.40 -9.55
C HIS C 340 27.40 0.12 -10.59
N LEU C 341 27.71 1.42 -10.49
CA LEU C 341 28.56 2.10 -11.46
C LEU C 341 29.81 2.65 -10.75
CO CO D . 4.71 -20.12 4.36
C18 S77 E . 4.89 -16.76 8.42
N2 S77 E . 4.73 -17.34 7.10
C13 S77 E . 5.29 -18.50 6.67
N5 S77 E . 4.95 -18.73 5.44
N4 S77 E . 4.13 -17.68 5.03
C4 S77 E . 4.00 -16.83 6.04
C3 S77 E . 3.21 -15.56 6.02
C9 S77 E . 1.94 -15.58 6.88
C7 S77 E . 1.24 -14.24 6.90
C8 S77 E . 2.82 -15.10 4.61
C6 S77 E . 2.12 -13.76 4.63
N1 S77 E . 0.96 -13.75 5.54
C1 S77 E . -0.24 -13.18 5.19
N3 S77 E . -0.59 -12.07 5.86
C14 S77 E . -1.74 -11.46 5.55
C15 S77 E . -2.60 -11.89 4.57
C10 S77 E . -2.26 -13.01 3.85
C2 S77 E . -1.07 -13.69 4.12
C5 S77 E . -0.74 -14.90 3.32
C12 S77 E . -0.40 -16.12 3.90
C17 S77 E . -0.12 -17.24 3.11
C16 S77 E . -0.20 -17.04 1.75
F S77 E . 0.06 -18.09 0.92
N6 S77 E . -0.51 -15.94 1.14
C11 S77 E . -0.78 -14.88 1.93
S SO4 F . -10.01 -15.73 23.84
O1 SO4 F . -9.65 -16.38 25.08
O2 SO4 F . -9.79 -16.65 22.76
O3 SO4 F . -11.41 -15.35 23.88
O4 SO4 F . -9.20 -14.56 23.62
C18 S77 G . -20.60 -2.08 -5.70
N2 S77 G . -20.41 -3.35 -6.38
C13 S77 G . -20.99 -3.70 -7.55
N5 S77 G . -20.61 -4.91 -7.89
N4 S77 G . -19.74 -5.36 -6.89
C4 S77 G . -19.64 -4.41 -5.97
C3 S77 G . -18.79 -4.51 -4.74
C9 S77 G . -17.45 -3.80 -4.90
C7 S77 G . -16.72 -3.75 -3.60
C8 S77 G . -18.50 -5.93 -4.26
C6 S77 G . -17.67 -5.96 -2.99
N1 S77 G . -16.48 -5.10 -3.06
C1 S77 G . -15.27 -5.43 -2.50
N3 S77 G . -14.83 -4.67 -1.49
C14 S77 G . -13.65 -4.95 -0.91
C15 S77 G . -12.85 -5.99 -1.30
C10 S77 G . -13.26 -6.79 -2.34
C2 S77 G . -14.49 -6.54 -2.96
C5 S77 G . -14.88 -7.40 -4.10
C12 S77 G . -15.35 -6.83 -5.29
C17 S77 G . -15.69 -7.61 -6.37
C16 S77 G . -15.50 -8.95 -6.20
F S77 G . -15.82 -9.78 -7.24
N6 S77 G . -15.06 -9.56 -5.14
C11 S77 G . -14.73 -8.78 -4.10
CO CO H . -20.47 -6.24 -9.23
CO CO I . 8.14 25.85 0.44
C18 S77 J . 7.74 20.39 1.47
N2 S77 J . 7.58 21.83 1.51
C13 S77 J . 8.26 22.70 0.73
N5 S77 J . 7.89 23.93 1.01
N4 S77 J . 6.92 23.85 2.01
C4 S77 J . 6.74 22.57 2.31
C3 S77 J . 5.79 22.09 3.36
C9 S77 J . 4.52 21.46 2.79
C7 S77 J . 3.66 20.90 3.90
C8 S77 J . 5.38 23.17 4.36
C6 S77 J . 4.43 22.68 5.43
N1 S77 J . 3.30 21.93 4.88
C1 S77 J . 1.99 22.05 5.35
N3 S77 J . 1.43 20.94 5.85
C14 S77 J . 0.17 20.98 6.31
C15 S77 J . -0.62 22.11 6.30
C10 S77 J . -0.09 23.27 5.78
C2 S77 J . 1.22 23.30 5.30
C5 S77 J . 1.72 24.58 4.75
C12 S77 J . 2.25 24.67 3.45
C17 S77 J . 2.65 25.87 2.93
C16 S77 J . 2.46 26.96 3.74
F S77 J . 2.84 28.18 3.29
N6 S77 J . 1.95 26.97 4.95
C11 S77 J . 1.57 25.78 5.43
S SO4 K . -6.95 7.56 -7.33
O1 SO4 K . -6.28 8.74 -6.89
O2 SO4 K . -6.44 7.16 -8.63
O3 SO4 K . -6.74 6.51 -6.36
O4 SO4 K . -8.37 7.83 -7.44
S SO4 L . -5.30 12.90 -5.88
O1 SO4 L . -5.49 13.01 -4.46
O2 SO4 L . -3.88 12.90 -6.19
O3 SO4 L . -5.87 11.67 -6.34
O4 SO4 L . -5.95 14.01 -6.56
#